data_2YA2
#
_entry.id   2YA2
#
_cell.length_a   57.779
_cell.length_b   75.803
_cell.length_c   88.089
_cell.angle_alpha   90.00
_cell.angle_beta   97.72
_cell.angle_gamma   90.00
#
_symmetry.space_group_name_H-M   'P 1 21 1'
#
loop_
_entity.id
_entity.type
_entity.pdbx_description
1 polymer 'PUTATIVE ALKALINE AMYLOPULLULANASE'
2 branched alpha-D-glucopyranose-(1-4)-1-DEOXYNOJIRIMYCIN
3 non-polymer 'CALCIUM ION'
4 non-polymer 'SODIUM ION'
5 water water
#
_entity_poly.entity_id   1
_entity_poly.type   'polypeptide(L)'
_entity_poly.pdbx_seq_one_letter_code
;TSWRLKDETYSYDGKLGADLKEEGKQVDLTLWSPSADKVSVVVYDKNDPDKVVGTVALEKGERGTWKQTLDSTNKLGITD
FTGYYYQYQIERQGKTVLALDPYAKSLAAWNSDDSKIDDAHKVAKAAFVDPAKLGPQDLTYGKIHNFKTREDAVIYEAHV
RDFTSDPAIAKDLTKPFGTFEAFIEKLDYLKDLGVTHIQLLPVLSYYFVNELKNHERLSDYASSNSNYNWGYDPQNYFSL
TGMYSSDPKNPEKRIAEFKNLINEIHKRGMGAILDVVYNHTAKVDLFEDLEPNYYHFMDADGTPRTSFGGGRLGTTHHMT
KRLLIDSIKYLVDTYKVDGFRFDMMGDHDAASIEEAYKAARALNPNLIMLGEGWRTYAGDENMPTKAADQDWMKHTDTVA
VFSDDIRNNLKSGYPNEGQPAFITGGKRDVNTIFKNLIAQPTNFEADSPGDVIQYIAAHDDLTLFDIIAQSIKKDPSKAE
NYAEIHRRLRLGNLMVLTAQGTPFIHSGQEYGRTKQFRNPAYRTPVAEDKVPNKSHLLRDKDGNPFDYPYFIHDSYDSSD
AVNKFDWTKATDGKAYPENVKSRDYMKGLIALRQSTDAFRLKSLQDIKDRVHLITVPGQNGVEKEDVVIGYQITAPNGDI
YAVFVNADEKAREFNLGTAFAHLRNAEVLADENQAGPVGIANPKGLEWTEKGLKLNALTATVLRVSQN
;
_entity_poly.pdbx_strand_id   A
#
loop_
_chem_comp.id
_chem_comp.type
_chem_comp.name
_chem_comp.formula
CA non-polymer 'CALCIUM ION' 'Ca 2'
GLC D-saccharide, alpha linking alpha-D-glucopyranose 'C6 H12 O6'
NA non-polymer 'SODIUM ION' 'Na 1'
NOJ D-saccharide 1-DEOXYNOJIRIMYCIN 'C6 H13 N O4'
#
# COMPACT_ATOMS: atom_id res chain seq x y z
N THR A 1 -17.07 33.91 -4.30
CA THR A 1 -16.36 33.53 -5.56
C THR A 1 -16.63 32.03 -5.92
N SER A 2 -15.88 31.47 -6.87
CA SER A 2 -16.03 30.08 -7.29
C SER A 2 -14.65 29.61 -7.71
N TRP A 3 -14.31 28.36 -7.40
CA TRP A 3 -12.98 27.86 -7.76
C TRP A 3 -12.74 28.06 -9.26
N ARG A 4 -13.78 27.85 -10.05
CA ARG A 4 -13.79 28.00 -11.51
C ARG A 4 -13.42 29.42 -11.99
N LEU A 5 -14.06 30.44 -11.41
CA LEU A 5 -13.66 31.84 -11.67
C LEU A 5 -12.29 32.22 -11.07
N LYS A 6 -11.97 31.70 -9.89
CA LYS A 6 -10.66 31.90 -9.25
C LYS A 6 -9.52 31.30 -10.10
N ASP A 7 -9.76 30.16 -10.75
CA ASP A 7 -8.79 29.60 -11.68
C ASP A 7 -8.59 30.50 -12.88
N GLU A 8 -9.69 30.91 -13.50
CA GLU A 8 -9.64 31.87 -14.61
C GLU A 8 -8.76 33.08 -14.27
N THR A 9 -8.89 33.58 -13.05
CA THR A 9 -8.30 34.87 -12.69
C THR A 9 -6.95 34.79 -11.88
N TYR A 10 -6.77 33.70 -11.10
CA TYR A 10 -5.55 33.49 -10.30
C TYR A 10 -4.75 32.20 -10.53
N SER A 11 -5.04 31.50 -11.62
CA SER A 11 -4.28 30.31 -12.03
C SER A 11 -2.77 30.63 -12.08
N TYR A 12 -1.96 29.89 -11.32
CA TYR A 12 -0.51 30.15 -11.29
C TYR A 12 0.35 28.91 -11.55
N ASP A 13 1.35 29.10 -12.40
CA ASP A 13 2.15 27.98 -12.95
C ASP A 13 3.65 28.05 -12.67
N GLY A 14 4.07 29.11 -12.00
CA GLY A 14 5.47 29.25 -11.60
C GLY A 14 5.81 28.37 -10.42
N LYS A 15 7.01 28.53 -9.89
CA LYS A 15 7.43 27.70 -8.75
C LYS A 15 6.74 28.09 -7.45
N LEU A 16 6.55 27.10 -6.58
CA LEU A 16 5.96 27.33 -5.28
C LEU A 16 6.88 26.76 -4.21
N GLY A 17 6.76 27.24 -2.98
CA GLY A 17 7.56 26.68 -1.89
C GLY A 17 8.72 27.57 -1.52
N ALA A 18 9.71 26.99 -0.84
CA ALA A 18 10.88 27.73 -0.33
C ALA A 18 12.16 27.11 -0.89
N ASP A 19 12.82 27.86 -1.78
CA ASP A 19 14.05 27.37 -2.37
C ASP A 19 15.26 27.89 -1.62
N LEU A 20 15.89 26.99 -0.87
CA LEU A 20 17.14 27.27 -0.20
C LEU A 20 18.22 27.29 -1.29
N LYS A 21 18.87 28.44 -1.42
CA LYS A 21 19.83 28.68 -2.50
C LYS A 21 21.21 28.88 -1.88
N GLU A 22 22.17 29.36 -2.67
CA GLU A 22 23.43 29.96 -2.18
C GLU A 22 24.01 29.29 -0.93
N GLU A 23 23.94 27.96 -0.92
CA GLU A 23 24.40 27.11 0.19
C GLU A 23 23.97 27.61 1.57
N GLY A 24 22.67 27.88 1.68
CA GLY A 24 22.08 28.34 2.90
C GLY A 24 21.85 29.83 3.02
N LYS A 25 22.53 30.64 2.21
CA LYS A 25 22.57 32.11 2.40
C LYS A 25 21.26 32.83 2.08
N GLN A 26 20.42 32.17 1.29
CA GLN A 26 19.26 32.80 0.72
C GLN A 26 18.08 31.85 0.70
N VAL A 27 16.87 32.40 0.89
CA VAL A 27 15.65 31.66 0.64
C VAL A 27 14.67 32.48 -0.21
N ASP A 28 14.20 31.91 -1.32
CA ASP A 28 13.14 32.51 -2.15
C ASP A 28 11.82 31.89 -1.77
N LEU A 29 10.90 32.70 -1.23
CA LEU A 29 9.59 32.22 -0.80
C LEU A 29 8.43 32.59 -1.75
N THR A 30 7.60 31.61 -2.11
CA THR A 30 6.39 31.84 -2.92
C THR A 30 5.23 31.01 -2.41
N LEU A 31 4.09 31.65 -2.25
CA LEU A 31 2.93 31.07 -1.65
C LEU A 31 1.76 31.65 -2.40
N TRP A 32 0.88 30.78 -2.91
CA TRP A 32 -0.35 31.21 -3.55
C TRP A 32 -1.40 31.55 -2.49
N SER A 33 -1.77 32.84 -2.40
CA SER A 33 -2.86 33.25 -1.52
C SER A 33 -3.57 34.51 -2.04
N PRO A 34 -4.35 34.36 -3.13
CA PRO A 34 -5.04 35.46 -3.81
C PRO A 34 -5.88 36.39 -2.89
N SER A 35 -6.63 35.80 -1.96
CA SER A 35 -7.54 36.54 -1.08
C SER A 35 -6.87 37.31 0.06
N ALA A 36 -5.58 37.10 0.26
CA ALA A 36 -4.89 37.63 1.43
C ALA A 36 -4.76 39.14 1.36
N ASP A 37 -4.80 39.78 2.52
CA ASP A 37 -4.54 41.22 2.61
C ASP A 37 -3.10 41.45 2.98
N LYS A 38 -2.57 40.57 3.84
CA LYS A 38 -1.14 40.53 4.15
C LYS A 38 -0.64 39.09 4.32
N VAL A 39 0.65 38.87 4.00
CA VAL A 39 1.29 37.58 4.29
C VAL A 39 2.69 37.82 4.82
N SER A 40 2.97 37.31 6.02
CA SER A 40 4.33 37.28 6.53
C SER A 40 4.78 35.83 6.74
N VAL A 41 6.09 35.64 6.79
CA VAL A 41 6.67 34.38 7.22
C VAL A 41 7.24 34.52 8.66
N VAL A 42 6.75 33.67 9.55
CA VAL A 42 7.29 33.66 10.90
C VAL A 42 8.40 32.63 10.95
N VAL A 43 9.58 33.04 11.38
CA VAL A 43 10.73 32.14 11.37
C VAL A 43 11.07 31.64 12.77
N TYR A 44 11.22 30.31 12.92
CA TYR A 44 11.38 29.68 14.23
C TYR A 44 12.75 29.07 14.40
N ASP A 45 13.27 29.13 15.61
CA ASP A 45 14.65 28.74 15.84
C ASP A 45 14.86 27.25 15.56
N LYS A 46 15.97 26.93 14.92
CA LYS A 46 16.34 25.56 14.56
C LYS A 46 16.76 24.75 15.79
N ASN A 47 17.16 25.44 16.84
CA ASN A 47 17.53 24.79 18.09
C ASN A 47 16.38 24.71 19.11
N ASP A 48 15.36 25.53 18.91
CA ASP A 48 14.21 25.57 19.81
C ASP A 48 13.03 26.02 18.96
N PRO A 49 12.32 25.06 18.36
CA PRO A 49 11.30 25.48 17.38
C PRO A 49 10.18 26.33 17.98
N ASP A 50 10.06 26.34 19.30
CA ASP A 50 9.06 27.17 19.94
C ASP A 50 9.49 28.64 19.88
N LYS A 51 10.80 28.87 19.66
CA LYS A 51 11.33 30.22 19.68
C LYS A 51 11.26 30.93 18.35
N VAL A 52 10.50 32.02 18.39
CA VAL A 52 10.26 32.85 17.26
C VAL A 52 11.53 33.68 17.12
N VAL A 53 12.12 33.69 15.93
CA VAL A 53 13.35 34.47 15.77
C VAL A 53 13.08 35.76 15.01
N GLY A 54 11.94 35.88 14.36
CA GLY A 54 11.62 37.08 13.59
C GLY A 54 10.49 36.85 12.63
N THR A 55 10.01 37.94 12.03
CA THR A 55 8.83 37.92 11.18
C THR A 55 9.07 38.85 10.01
N VAL A 56 8.94 38.34 8.80
CA VAL A 56 9.22 39.11 7.59
C VAL A 56 7.99 39.10 6.71
N ALA A 57 7.59 40.29 6.25
CA ALA A 57 6.42 40.47 5.40
C ALA A 57 6.76 40.00 3.99
N LEU A 58 5.76 39.47 3.26
CA LEU A 58 5.93 39.19 1.84
C LEU A 58 5.18 40.24 1.02
N GLU A 59 5.46 40.33 -0.27
CA GLU A 59 4.81 41.31 -1.12
C GLU A 59 4.11 40.60 -2.26
N LYS A 60 3.05 41.23 -2.78
CA LYS A 60 2.20 40.64 -3.81
C LYS A 60 3.00 40.41 -5.07
N GLY A 61 2.68 39.32 -5.77
CA GLY A 61 3.33 38.97 -7.01
C GLY A 61 2.31 38.67 -8.08
N GLU A 62 2.75 38.02 -9.15
CA GLU A 62 1.87 37.56 -10.23
C GLU A 62 0.77 36.60 -9.78
N ARG A 63 -0.36 36.60 -10.49
CA ARG A 63 -1.46 35.60 -10.36
C ARG A 63 -1.69 35.05 -8.94
N GLY A 64 -2.02 35.93 -8.00
CA GLY A 64 -2.48 35.54 -6.68
C GLY A 64 -1.41 35.22 -5.65
N THR A 65 -0.14 35.37 -6.03
CA THR A 65 0.92 34.93 -5.16
C THR A 65 1.52 36.02 -4.30
N TRP A 66 2.41 35.57 -3.43
CA TRP A 66 3.09 36.41 -2.49
C TRP A 66 4.49 35.84 -2.48
N LYS A 67 5.48 36.74 -2.59
CA LYS A 67 6.87 36.37 -2.79
C LYS A 67 7.77 37.12 -1.80
N GLN A 68 8.89 36.49 -1.42
CA GLN A 68 9.91 37.19 -0.62
C GLN A 68 11.24 36.47 -0.71
N THR A 69 12.32 37.22 -0.50
CA THR A 69 13.69 36.71 -0.49
C THR A 69 14.36 37.02 0.85
N LEU A 70 14.70 35.94 1.58
CA LEU A 70 15.47 36.04 2.81
C LEU A 70 16.95 35.89 2.44
N ASP A 71 17.76 36.85 2.85
CA ASP A 71 19.17 36.87 2.48
C ASP A 71 20.01 37.54 3.56
N SER A 72 21.22 37.96 3.16
CA SER A 72 22.17 38.77 3.94
C SER A 72 21.57 39.98 4.69
N THR A 73 20.53 40.58 4.10
CA THR A 73 19.93 41.82 4.59
C THR A 73 18.92 41.60 5.72
N ASN A 74 18.69 40.34 6.09
CA ASN A 74 17.75 39.98 7.17
C ASN A 74 18.13 40.57 8.53
N LYS A 75 17.14 41.01 9.30
CA LYS A 75 17.36 41.47 10.66
C LYS A 75 17.24 40.29 11.64
N LEU A 76 17.26 39.09 11.06
CA LEU A 76 16.97 37.87 11.84
C LEU A 76 18.19 37.36 12.58
N GLY A 77 19.38 37.72 12.14
CA GLY A 77 20.58 37.24 12.81
C GLY A 77 20.91 35.86 12.31
N ILE A 78 20.56 35.63 11.04
CA ILE A 78 20.81 34.36 10.39
C ILE A 78 21.71 34.56 9.19
N THR A 79 22.81 33.82 9.15
CA THR A 79 23.63 33.73 7.94
C THR A 79 23.51 32.40 7.17
N ASP A 80 22.99 31.35 7.82
CA ASP A 80 22.65 30.09 7.15
C ASP A 80 21.23 29.65 7.56
N PHE A 81 20.29 29.73 6.62
CA PHE A 81 18.88 29.37 6.87
C PHE A 81 18.59 27.85 7.03
N THR A 82 19.60 27.02 6.75
CA THR A 82 19.50 25.57 6.80
C THR A 82 19.00 25.10 8.14
N GLY A 83 17.82 24.48 8.13
CA GLY A 83 17.29 23.81 9.30
C GLY A 83 16.41 24.66 10.18
N TYR A 84 16.34 25.95 9.88
CA TYR A 84 15.40 26.84 10.53
C TYR A 84 13.99 26.51 10.07
N TYR A 85 13.01 27.03 10.81
CA TYR A 85 11.66 26.56 10.62
C TYR A 85 10.80 27.77 10.31
N TYR A 86 9.64 27.55 9.72
CA TYR A 86 8.78 28.66 9.32
C TYR A 86 7.33 28.26 9.19
N GLN A 87 6.43 29.21 9.45
CA GLN A 87 5.02 29.10 9.04
C GLN A 87 4.59 30.42 8.47
N TYR A 88 3.44 30.42 7.81
CA TYR A 88 2.91 31.62 7.19
C TYR A 88 1.84 32.30 8.02
N GLN A 89 2.04 33.59 8.24
CA GLN A 89 1.04 34.42 8.88
C GLN A 89 0.25 35.16 7.82
N ILE A 90 -1.05 34.86 7.78
CA ILE A 90 -1.95 35.33 6.74
C ILE A 90 -3.12 36.12 7.36
N GLU A 91 -3.28 37.36 6.93
CA GLU A 91 -4.34 38.19 7.46
C GLU A 91 -5.37 38.47 6.39
N ARG A 92 -6.64 38.25 6.72
CA ARG A 92 -7.78 38.49 5.83
C ARG A 92 -8.90 39.14 6.66
N GLN A 93 -9.50 40.21 6.11
CA GLN A 93 -10.52 40.99 6.81
C GLN A 93 -10.21 41.07 8.31
N GLY A 94 -9.03 41.59 8.65
CA GLY A 94 -8.60 41.70 10.07
C GLY A 94 -8.32 40.46 10.93
N LYS A 95 -8.61 39.27 10.42
CA LYS A 95 -8.27 38.03 11.15
C LYS A 95 -7.07 37.29 10.56
N THR A 96 -6.23 36.83 11.48
CA THR A 96 -4.96 36.22 11.18
C THR A 96 -4.99 34.74 11.53
N VAL A 97 -4.38 33.92 10.67
CA VAL A 97 -4.14 32.52 10.98
C VAL A 97 -2.69 32.19 10.65
N LEU A 98 -2.17 31.11 11.23
CA LEU A 98 -0.86 30.57 10.86
C LEU A 98 -1.05 29.32 9.96
N ALA A 99 -0.36 29.30 8.81
CA ALA A 99 -0.56 28.20 7.88
C ALA A 99 0.71 27.42 7.61
N LEU A 100 0.57 26.13 7.35
CA LEU A 100 1.65 25.31 6.78
C LEU A 100 1.84 25.54 5.28
N ASP A 101 3.07 25.85 4.86
CA ASP A 101 3.43 25.94 3.44
C ASP A 101 3.11 24.57 2.83
N PRO A 102 2.18 24.53 1.85
CA PRO A 102 1.82 23.25 1.23
C PRO A 102 2.99 22.61 0.43
N TYR A 103 3.95 23.41 -0.05
CA TYR A 103 5.16 22.88 -0.72
C TYR A 103 6.41 22.73 0.18
N ALA A 104 6.17 22.58 1.50
CA ALA A 104 7.25 22.37 2.47
C ALA A 104 8.06 21.08 2.20
N LYS A 105 9.37 21.20 2.13
CA LYS A 105 10.22 20.07 1.80
C LYS A 105 10.54 19.24 3.04
N SER A 106 10.43 19.86 4.21
CA SER A 106 10.55 19.13 5.45
C SER A 106 9.94 19.89 6.59
N LEU A 107 9.90 19.29 7.76
CA LEU A 107 9.15 19.83 8.86
C LEU A 107 9.88 19.71 10.22
N ALA A 108 9.52 20.57 11.17
CA ALA A 108 9.94 20.38 12.55
C ALA A 108 9.20 19.16 13.09
N ALA A 109 9.88 18.42 13.97
CA ALA A 109 9.26 17.42 14.81
C ALA A 109 7.84 17.85 15.22
N TRP A 110 6.89 16.92 15.01
CA TRP A 110 5.49 17.22 15.12
C TRP A 110 4.78 16.33 16.18
N ASN A 111 3.95 16.97 17.01
CA ASN A 111 3.25 16.21 18.04
C ASN A 111 1.85 16.81 18.27
N SER A 112 0.85 16.11 17.73
CA SER A 112 -0.53 16.59 17.71
C SER A 112 -1.19 16.60 19.07
N ASP A 113 -0.56 15.97 20.04
CA ASP A 113 -1.02 16.05 21.43
C ASP A 113 -0.69 17.38 22.10
N ASP A 114 0.10 18.20 21.44
CA ASP A 114 0.38 19.57 21.87
C ASP A 114 -0.34 20.59 20.99
N SER A 115 -1.33 20.16 20.22
CA SER A 115 -1.92 21.06 19.24
C SER A 115 -2.82 22.15 19.83
N LYS A 116 -3.19 22.01 21.09
CA LYS A 116 -4.17 22.91 21.73
C LYS A 116 -3.59 24.08 22.49
N ILE A 117 -2.26 24.06 22.70
CA ILE A 117 -1.57 25.08 23.47
C ILE A 117 -1.72 26.50 22.87
N ASP A 118 -1.52 26.61 21.54
CA ASP A 118 -1.66 27.88 20.79
C ASP A 118 -1.76 27.64 19.27
N ASP A 119 -1.91 28.72 18.50
CA ASP A 119 -2.06 28.67 17.05
C ASP A 119 -0.86 28.04 16.35
N ALA A 120 0.33 28.36 16.86
CA ALA A 120 1.59 27.90 16.30
C ALA A 120 1.72 26.38 16.33
N HIS A 121 1.04 25.76 17.28
CA HIS A 121 1.06 24.30 17.49
C HIS A 121 -0.06 23.54 16.77
N LYS A 122 -0.89 24.23 16.01
CA LYS A 122 -2.10 23.62 15.40
C LYS A 122 -1.76 22.93 14.07
N VAL A 123 -0.79 23.49 13.35
CA VAL A 123 -0.20 22.75 12.22
C VAL A 123 1.31 22.70 12.36
N ALA A 124 1.91 21.77 11.63
CA ALA A 124 3.35 21.60 11.64
C ALA A 124 4.04 22.90 11.22
N LYS A 125 5.31 23.02 11.58
CA LYS A 125 6.16 24.06 11.01
C LYS A 125 7.06 23.42 9.97
N ALA A 126 7.10 24.03 8.80
CA ALA A 126 8.00 23.68 7.71
C ALA A 126 9.48 23.98 8.05
N ALA A 127 10.40 23.36 7.29
CA ALA A 127 11.86 23.55 7.48
C ALA A 127 12.52 23.99 6.17
N PHE A 128 13.58 24.79 6.28
CA PHE A 128 14.32 25.21 5.11
C PHE A 128 15.36 24.13 4.90
N VAL A 129 15.26 23.43 3.78
CA VAL A 129 16.14 22.31 3.51
C VAL A 129 16.41 22.23 2.02
N ASP A 130 17.47 21.48 1.68
CA ASP A 130 17.84 21.22 0.31
C ASP A 130 18.10 19.71 0.13
N PRO A 131 17.07 18.96 -0.33
CA PRO A 131 17.08 17.50 -0.56
C PRO A 131 18.28 16.96 -1.35
N ALA A 132 18.75 17.72 -2.34
CA ALA A 132 19.67 17.22 -3.37
C ALA A 132 21.04 16.88 -2.80
N LYS A 133 21.37 17.59 -1.73
CA LYS A 133 22.67 17.56 -1.11
C LYS A 133 22.74 16.40 -0.09
N LEU A 134 21.58 15.80 0.20
CA LEU A 134 21.44 14.84 1.27
C LEU A 134 21.39 13.37 0.84
N GLY A 135 21.93 12.49 1.67
CA GLY A 135 21.88 11.06 1.42
C GLY A 135 22.83 10.67 0.31
N PRO A 136 22.72 9.44 -0.18
CA PRO A 136 23.57 8.87 -1.21
C PRO A 136 23.39 9.62 -2.50
N GLN A 137 24.50 10.13 -3.04
CA GLN A 137 24.50 11.01 -4.20
C GLN A 137 24.39 10.27 -5.52
N ASP A 138 24.65 8.97 -5.46
CA ASP A 138 24.52 8.07 -6.61
C ASP A 138 23.10 7.49 -6.80
N LEU A 139 22.17 7.85 -5.90
CA LEU A 139 20.78 7.32 -5.94
C LEU A 139 20.14 7.64 -7.27
N THR A 140 19.56 6.62 -7.91
CA THR A 140 18.80 6.83 -9.13
C THR A 140 17.71 5.78 -9.25
N TYR A 141 16.97 5.80 -10.35
CA TYR A 141 15.82 4.90 -10.50
C TYR A 141 16.26 3.45 -10.42
N GLY A 142 15.38 2.59 -9.91
CA GLY A 142 15.66 1.17 -9.84
C GLY A 142 15.94 0.52 -11.20
N LYS A 143 16.78 -0.51 -11.16
CA LYS A 143 16.95 -1.43 -12.27
C LYS A 143 16.45 -2.79 -11.76
N ILE A 144 15.21 -3.12 -12.09
CA ILE A 144 14.53 -4.15 -11.33
C ILE A 144 14.64 -5.55 -11.96
N HIS A 145 15.26 -6.47 -11.21
CA HIS A 145 15.47 -7.88 -11.56
C HIS A 145 14.13 -8.54 -11.89
N ASN A 146 14.11 -9.33 -12.95
CA ASN A 146 12.93 -10.12 -13.33
C ASN A 146 11.69 -9.29 -13.68
N PHE A 147 11.89 -8.02 -14.00
CA PHE A 147 10.77 -7.13 -14.26
C PHE A 147 10.94 -6.35 -15.57
N LYS A 148 9.93 -6.38 -16.43
CA LYS A 148 9.95 -5.61 -17.68
C LYS A 148 8.78 -4.58 -17.82
N THR A 149 7.54 -5.06 -17.67
CA THR A 149 6.32 -4.23 -17.58
C THR A 149 5.35 -4.65 -16.44
N ARG A 150 4.28 -3.90 -16.20
CA ARG A 150 3.40 -4.10 -15.02
C ARG A 150 3.02 -5.57 -14.71
N GLU A 151 2.64 -6.34 -15.73
CA GLU A 151 2.27 -7.75 -15.53
C GLU A 151 3.43 -8.52 -14.87
N ASP A 152 4.66 -8.02 -15.07
CA ASP A 152 5.87 -8.59 -14.44
C ASP A 152 6.14 -8.31 -12.99
N ALA A 153 5.39 -7.38 -12.37
CA ALA A 153 5.62 -6.96 -10.97
C ALA A 153 4.99 -7.90 -9.94
N VAL A 154 5.73 -8.16 -8.85
CA VAL A 154 5.20 -8.87 -7.69
C VAL A 154 5.31 -7.85 -6.55
N ILE A 155 4.18 -7.40 -6.03
CA ILE A 155 4.15 -6.26 -5.12
C ILE A 155 4.05 -6.67 -3.65
N TYR A 156 4.92 -6.13 -2.77
CA TYR A 156 4.94 -6.52 -1.35
C TYR A 156 4.59 -5.33 -0.44
N GLU A 157 3.50 -5.45 0.33
CA GLU A 157 2.92 -4.32 1.09
C GLU A 157 3.38 -4.23 2.54
N ALA A 158 4.31 -3.32 2.84
CA ALA A 158 4.86 -3.23 4.19
C ALA A 158 4.78 -1.85 4.81
N HIS A 159 4.49 -1.80 6.11
CA HIS A 159 4.56 -0.56 6.91
C HIS A 159 5.96 -0.49 7.47
N VAL A 160 6.58 0.69 7.39
CA VAL A 160 7.97 0.91 7.83
C VAL A 160 8.20 0.51 9.27
N ARG A 161 7.28 0.86 10.16
CA ARG A 161 7.43 0.49 11.58
C ARG A 161 7.25 -1.00 11.84
N ASP A 162 6.17 -1.58 11.29
CA ASP A 162 5.88 -3.02 11.46
C ASP A 162 7.08 -3.89 11.08
N PHE A 163 7.72 -3.56 9.96
CA PHE A 163 8.74 -4.45 9.41
C PHE A 163 9.94 -4.70 10.33
N THR A 164 10.17 -3.79 11.28
CA THR A 164 11.23 -3.99 12.27
C THR A 164 10.82 -3.76 13.75
N SER A 165 9.53 -3.64 14.06
CA SER A 165 9.14 -3.40 15.47
C SER A 165 9.06 -4.66 16.35
N ASP A 166 9.43 -5.82 15.82
CA ASP A 166 9.44 -7.03 16.62
C ASP A 166 10.57 -6.99 17.64
N PRO A 167 10.25 -6.95 18.94
CA PRO A 167 11.36 -6.87 19.90
C PRO A 167 12.28 -8.07 19.74
N ALA A 168 11.73 -9.22 19.31
CA ALA A 168 12.51 -10.40 18.99
C ALA A 168 13.72 -10.17 18.07
N ILE A 169 13.70 -9.13 17.25
CA ILE A 169 14.91 -8.83 16.44
C ILE A 169 15.75 -7.67 16.95
N ALA A 170 15.40 -7.07 18.09
CA ALA A 170 16.23 -5.97 18.62
C ALA A 170 17.75 -6.30 18.67
N LYS A 171 18.04 -7.56 19.02
CA LYS A 171 19.38 -8.16 19.06
C LYS A 171 20.16 -8.01 17.75
N ASP A 172 19.46 -8.02 16.62
CA ASP A 172 20.11 -7.95 15.30
C ASP A 172 20.12 -6.56 14.65
N LEU A 173 19.39 -5.59 15.21
CA LEU A 173 19.38 -4.24 14.64
C LEU A 173 20.57 -3.40 15.16
N THR A 174 21.23 -2.69 14.26
CA THR A 174 22.26 -1.74 14.64
C THR A 174 21.65 -0.32 14.57
N LYS A 175 20.51 -0.21 13.89
CA LYS A 175 19.81 1.06 13.75
C LYS A 175 18.57 1.06 14.63
N PRO A 176 18.09 2.26 15.02
CA PRO A 176 16.92 2.35 15.91
C PRO A 176 15.69 1.65 15.31
N PHE A 177 14.96 0.86 16.09
CA PHE A 177 13.92 0.01 15.52
C PHE A 177 12.82 0.81 14.80
N GLY A 178 12.20 0.19 13.79
CA GLY A 178 11.03 0.77 13.10
C GLY A 178 11.28 2.09 12.39
N THR A 179 12.52 2.33 11.99
CA THR A 179 12.88 3.54 11.21
C THR A 179 13.24 3.15 9.77
N PHE A 180 13.39 4.12 8.86
CA PHE A 180 13.87 3.86 7.49
C PHE A 180 15.18 3.05 7.43
N GLU A 181 16.14 3.40 8.25
CA GLU A 181 17.43 2.68 8.21
C GLU A 181 17.41 1.31 8.89
N ALA A 182 16.53 1.12 9.86
CA ALA A 182 16.29 -0.25 10.35
C ALA A 182 15.73 -1.13 9.24
N PHE A 183 14.88 -0.55 8.37
CA PHE A 183 14.17 -1.29 7.31
C PHE A 183 15.23 -1.91 6.43
N ILE A 184 16.27 -1.11 6.19
CA ILE A 184 17.40 -1.50 5.34
C ILE A 184 17.99 -2.87 5.80
N GLU A 185 17.99 -3.12 7.11
CA GLU A 185 18.66 -4.31 7.66
C GLU A 185 17.91 -5.62 7.43
N LYS A 186 16.65 -5.54 7.03
CA LYS A 186 15.84 -6.74 6.76
C LYS A 186 15.50 -6.87 5.27
N LEU A 187 16.15 -6.03 4.46
CA LEU A 187 15.96 -6.07 3.03
C LEU A 187 16.44 -7.38 2.38
N ASP A 188 17.45 -8.02 2.95
CA ASP A 188 17.95 -9.28 2.36
C ASP A 188 16.88 -10.37 2.36
N TYR A 189 15.93 -10.27 3.29
CA TYR A 189 14.81 -11.20 3.41
C TYR A 189 13.86 -11.05 2.18
N LEU A 190 13.57 -9.79 1.83
CA LEU A 190 12.71 -9.48 0.70
C LEU A 190 13.39 -9.80 -0.63
N LYS A 191 14.70 -9.58 -0.76
CA LYS A 191 15.43 -9.98 -1.96
C LYS A 191 15.41 -11.52 -2.12
N ASP A 192 15.54 -12.23 -1.02
CA ASP A 192 15.47 -13.67 -1.05
C ASP A 192 14.03 -14.18 -1.38
N LEU A 193 13.00 -13.48 -0.87
CA LEU A 193 11.59 -13.82 -1.21
C LEU A 193 11.29 -13.65 -2.69
N GLY A 194 11.89 -12.63 -3.32
CA GLY A 194 11.85 -12.51 -4.77
C GLY A 194 10.83 -11.52 -5.29
N VAL A 195 10.27 -10.73 -4.39
CA VAL A 195 9.34 -9.65 -4.80
C VAL A 195 10.10 -8.56 -5.58
N THR A 196 9.44 -7.91 -6.54
CA THR A 196 10.09 -6.86 -7.32
C THR A 196 9.89 -5.46 -6.73
N HIS A 197 8.73 -5.25 -6.12
CA HIS A 197 8.31 -3.96 -5.61
C HIS A 197 7.83 -4.03 -4.17
N ILE A 198 8.44 -3.18 -3.36
CA ILE A 198 8.02 -2.97 -2.01
C ILE A 198 7.18 -1.70 -1.97
N GLN A 199 5.92 -1.90 -1.64
CA GLN A 199 4.98 -0.81 -1.51
C GLN A 199 4.97 -0.47 -0.05
N LEU A 200 5.32 0.78 0.23
CA LEU A 200 5.37 1.31 1.59
C LEU A 200 4.10 2.04 1.95
N LEU A 201 3.53 1.71 3.11
CA LEU A 201 2.41 2.50 3.65
C LEU A 201 2.85 3.95 3.86
N PRO A 202 1.90 4.89 3.93
CA PRO A 202 2.21 6.32 3.73
C PRO A 202 3.42 6.83 4.53
N VAL A 203 4.40 7.38 3.79
CA VAL A 203 5.58 7.97 4.41
C VAL A 203 5.55 9.47 4.41
N LEU A 204 4.58 10.06 3.74
CA LEU A 204 4.45 11.52 3.76
C LEU A 204 3.81 11.97 5.09
N SER A 205 4.16 13.17 5.56
CA SER A 205 3.73 13.66 6.88
C SER A 205 2.26 13.42 7.17
N TYR A 206 1.99 12.77 8.29
CA TYR A 206 0.60 12.66 8.72
C TYR A 206 0.33 13.27 10.08
N TYR A 207 -0.94 13.50 10.37
CA TYR A 207 -1.30 14.48 11.40
C TYR A 207 -1.34 13.92 12.85
N PHE A 208 -2.11 12.85 13.05
CA PHE A 208 -2.34 12.35 14.40
C PHE A 208 -1.20 11.46 14.81
N VAL A 209 -0.25 12.04 15.55
CA VAL A 209 0.98 11.38 15.96
C VAL A 209 1.83 12.25 16.90
N ASN A 210 2.51 11.60 17.84
CA ASN A 210 3.56 12.26 18.60
C ASN A 210 4.87 11.69 18.17
N GLU A 211 5.56 12.41 17.31
CA GLU A 211 6.78 11.91 16.73
C GLU A 211 7.90 11.88 17.79
N LEU A 212 7.74 12.69 18.84
CA LEU A 212 8.76 12.77 19.90
C LEU A 212 8.85 11.52 20.78
N LYS A 213 7.97 10.55 20.55
CA LYS A 213 8.01 9.26 21.26
C LYS A 213 8.20 8.08 20.29
N ASN A 214 8.81 8.34 19.14
CA ASN A 214 8.87 7.34 18.09
C ASN A 214 9.79 6.18 18.43
N HIS A 215 10.67 6.35 19.42
CA HIS A 215 11.60 5.32 19.86
C HIS A 215 11.03 4.44 21.00
N GLU A 216 9.86 4.81 21.50
CA GLU A 216 9.20 4.02 22.54
C GLU A 216 8.49 2.82 21.92
N ARG A 217 8.69 1.66 22.51
CA ARG A 217 8.05 0.42 22.03
C ARG A 217 6.64 0.43 22.52
N LEU A 218 5.72 0.06 21.65
CA LEU A 218 4.32 -0.01 22.03
C LEU A 218 4.06 -1.46 22.31
N SER A 219 4.56 -1.93 23.46
CA SER A 219 4.59 -3.35 23.81
C SER A 219 3.29 -3.90 24.42
N ASP A 220 2.48 -3.03 25.01
CA ASP A 220 1.11 -3.35 25.45
C ASP A 220 0.12 -3.58 24.29
N TYR A 221 -0.62 -4.69 24.33
CA TYR A 221 -1.74 -4.85 23.38
C TYR A 221 -2.75 -3.72 23.50
N ALA A 222 -3.05 -3.06 22.38
CA ALA A 222 -4.10 -2.04 22.28
C ALA A 222 -4.54 -1.90 20.81
N SER A 223 -5.80 -1.53 20.60
CA SER A 223 -6.31 -1.36 19.23
C SER A 223 -7.06 -0.04 19.04
N SER A 224 -6.99 0.84 20.04
CA SER A 224 -7.46 2.20 19.91
C SER A 224 -6.53 3.07 20.73
N ASN A 225 -6.52 4.38 20.47
CA ASN A 225 -5.73 5.38 21.26
C ASN A 225 -4.23 5.02 21.37
N SER A 226 -3.61 4.73 20.24
CA SER A 226 -2.20 4.38 20.22
C SER A 226 -1.44 5.44 19.44
N ASN A 227 -0.17 5.58 19.75
CA ASN A 227 0.67 6.56 19.06
C ASN A 227 1.04 6.03 17.67
N TYR A 228 0.93 4.72 17.50
CA TYR A 228 1.00 4.08 16.19
C TYR A 228 -0.03 4.66 15.26
N ASN A 229 0.37 4.84 14.01
CA ASN A 229 -0.54 5.28 13.00
C ASN A 229 -0.17 4.63 11.68
N TRP A 230 -1.15 4.10 10.95
CA TRP A 230 -0.87 3.71 9.58
C TRP A 230 -0.43 4.91 8.74
N GLY A 231 -1.03 6.09 8.95
CA GLY A 231 -0.57 7.34 8.28
C GLY A 231 -1.55 7.93 7.27
N TYR A 232 -2.78 7.45 7.33
CA TYR A 232 -3.84 7.87 6.43
C TYR A 232 -4.58 9.14 6.92
N ASP A 233 -3.85 10.08 7.52
CA ASP A 233 -4.35 11.38 7.95
C ASP A 233 -3.36 12.45 7.46
N PRO A 234 -3.29 12.71 6.13
CA PRO A 234 -2.24 13.58 5.56
C PRO A 234 -2.16 15.01 6.10
N GLN A 235 -0.94 15.49 6.28
CA GLN A 235 -0.68 16.86 6.70
C GLN A 235 0.08 17.64 5.62
N ASN A 236 0.87 16.94 4.83
CA ASN A 236 1.70 17.57 3.80
C ASN A 236 2.12 16.53 2.81
N TYR A 237 2.23 16.94 1.55
CA TYR A 237 2.45 16.04 0.40
C TYR A 237 3.83 16.10 -0.25
N PHE A 238 4.78 16.77 0.41
CA PHE A 238 6.18 16.77 -0.06
C PHE A 238 7.10 16.32 1.02
N SER A 239 6.71 16.63 2.26
CA SER A 239 7.49 16.30 3.44
C SER A 239 7.25 14.87 3.91
N LEU A 240 8.33 14.18 4.29
CA LEU A 240 8.23 12.89 4.92
C LEU A 240 7.83 13.04 6.37
N THR A 241 7.15 12.03 6.89
CA THR A 241 6.78 11.99 8.29
C THR A 241 8.07 11.87 9.08
N GLY A 242 8.08 12.29 10.33
CA GLY A 242 9.28 12.12 11.16
C GLY A 242 9.23 10.84 11.98
N MET A 243 8.08 10.16 11.93
CA MET A 243 7.87 8.96 12.73
C MET A 243 8.89 7.84 12.44
N TYR A 244 9.40 7.75 11.21
CA TYR A 244 10.35 6.65 10.86
C TYR A 244 11.81 7.14 10.80
N SER A 245 12.06 8.23 11.52
CA SER A 245 13.35 8.88 11.50
C SER A 245 14.15 8.57 12.77
N SER A 246 15.47 8.48 12.65
CA SER A 246 16.28 8.24 13.85
C SER A 246 16.24 9.50 14.72
N ASP A 247 15.98 10.63 14.08
CA ASP A 247 15.84 11.89 14.78
C ASP A 247 14.84 12.85 14.13
N PRO A 248 13.58 12.82 14.58
CA PRO A 248 12.60 13.79 14.07
C PRO A 248 12.93 15.30 14.28
N LYS A 249 13.85 15.64 15.19
CA LYS A 249 14.18 17.08 15.43
C LYS A 249 15.20 17.65 14.44
N ASN A 250 15.91 16.74 13.76
CA ASN A 250 16.76 17.08 12.63
C ASN A 250 15.92 17.00 11.34
N PRO A 251 15.57 18.15 10.75
CA PRO A 251 14.69 18.18 9.56
C PRO A 251 15.33 17.58 8.31
N GLU A 252 16.65 17.51 8.26
CA GLU A 252 17.33 16.95 7.11
C GLU A 252 17.51 15.43 7.18
N LYS A 253 17.48 14.90 8.39
CA LYS A 253 17.84 13.51 8.64
C LYS A 253 16.89 12.51 7.97
N ARG A 254 15.61 12.84 7.91
CA ARG A 254 14.62 11.90 7.37
C ARG A 254 14.77 11.77 5.86
N ILE A 255 15.25 12.85 5.23
CA ILE A 255 15.52 12.86 3.79
C ILE A 255 16.70 11.96 3.44
N ALA A 256 17.82 12.15 4.11
CA ALA A 256 19.01 11.32 3.87
C ALA A 256 18.67 9.85 4.08
N GLU A 257 17.98 9.56 5.20
CA GLU A 257 17.65 8.19 5.61
C GLU A 257 16.72 7.53 4.58
N PHE A 258 15.69 8.23 4.12
CA PHE A 258 14.79 7.71 3.09
C PHE A 258 15.53 7.52 1.79
N LYS A 259 16.37 8.49 1.42
CA LYS A 259 17.11 8.36 0.17
C LYS A 259 18.04 7.15 0.23
N ASN A 260 18.63 6.94 1.40
CA ASN A 260 19.48 5.76 1.61
C ASN A 260 18.67 4.43 1.60
N LEU A 261 17.44 4.46 2.10
CA LEU A 261 16.60 3.26 2.07
C LEU A 261 16.17 2.93 0.65
N ILE A 262 15.71 3.93 -0.12
CA ILE A 262 15.39 3.69 -1.53
C ILE A 262 16.64 3.17 -2.30
N ASN A 263 17.83 3.66 -1.94
CA ASN A 263 19.04 3.23 -2.63
C ASN A 263 19.36 1.78 -2.31
N GLU A 264 19.21 1.39 -1.05
CA GLU A 264 19.41 0.01 -0.63
C GLU A 264 18.41 -0.98 -1.26
N ILE A 265 17.14 -0.59 -1.33
CA ILE A 265 16.14 -1.37 -2.08
C ILE A 265 16.66 -1.56 -3.50
N HIS A 266 17.12 -0.49 -4.12
CA HIS A 266 17.57 -0.57 -5.51
C HIS A 266 18.76 -1.51 -5.73
N LYS A 267 19.73 -1.49 -4.83
CA LYS A 267 20.96 -2.23 -4.99
C LYS A 267 20.71 -3.72 -4.83
N ARG A 268 19.55 -4.05 -4.28
CA ARG A 268 19.13 -5.42 -4.14
C ARG A 268 18.18 -5.85 -5.29
N GLY A 269 18.13 -5.07 -6.37
CA GLY A 269 17.31 -5.39 -7.56
C GLY A 269 15.80 -5.21 -7.45
N MET A 270 15.35 -4.44 -6.46
CA MET A 270 13.93 -4.18 -6.15
C MET A 270 13.58 -2.71 -6.32
N GLY A 271 12.30 -2.42 -6.44
CA GLY A 271 11.80 -1.07 -6.56
C GLY A 271 11.01 -0.70 -5.33
N ALA A 272 10.74 0.61 -5.17
CA ALA A 272 9.88 1.08 -4.10
C ALA A 272 8.58 1.69 -4.65
N ILE A 273 7.46 1.33 -4.05
CA ILE A 273 6.17 1.98 -4.38
C ILE A 273 5.67 2.76 -3.15
N LEU A 274 5.18 3.98 -3.38
CA LEU A 274 4.78 4.86 -2.28
C LEU A 274 3.28 4.98 -2.17
N ASP A 275 2.71 4.47 -1.09
CA ASP A 275 1.31 4.70 -0.81
C ASP A 275 1.13 6.19 -0.55
N VAL A 276 0.24 6.81 -1.35
CA VAL A 276 -0.01 8.27 -1.30
C VAL A 276 -1.50 8.51 -1.10
N VAL A 277 -1.83 9.57 -0.37
CA VAL A 277 -3.20 9.77 0.14
C VAL A 277 -3.74 11.15 -0.22
N TYR A 278 -3.98 11.37 -1.52
CA TYR A 278 -4.34 12.69 -2.04
C TYR A 278 -5.83 12.95 -1.94
N ASN A 279 -6.61 11.92 -1.63
CA ASN A 279 -8.06 12.09 -1.65
C ASN A 279 -8.60 12.94 -0.51
N HIS A 280 -7.87 12.98 0.61
CA HIS A 280 -8.28 13.72 1.80
C HIS A 280 -7.11 14.19 2.65
N THR A 281 -7.30 15.29 3.36
CA THR A 281 -6.31 15.78 4.35
C THR A 281 -6.79 15.36 5.76
N ALA A 282 -5.99 15.59 6.79
CA ALA A 282 -6.47 15.28 8.14
C ALA A 282 -7.40 16.36 8.69
N LYS A 283 -7.27 17.56 8.16
CA LYS A 283 -7.96 18.75 8.68
C LYS A 283 -8.32 19.71 7.58
N VAL A 284 -9.59 20.14 7.61
CA VAL A 284 -10.13 21.09 6.65
C VAL A 284 -9.25 22.36 6.57
N ASP A 285 -8.73 22.80 7.72
CA ASP A 285 -8.01 24.09 7.78
C ASP A 285 -6.62 24.06 7.17
N LEU A 286 -6.00 22.88 7.08
CA LEU A 286 -4.70 22.74 6.40
C LEU A 286 -4.63 23.52 5.08
N PHE A 287 -5.72 23.48 4.30
CA PHE A 287 -5.82 24.23 3.06
C PHE A 287 -6.83 25.39 3.08
N GLU A 288 -7.86 25.32 3.93
CA GLU A 288 -8.83 26.41 4.04
C GLU A 288 -8.12 27.67 4.53
N ASP A 289 -7.13 27.49 5.42
CA ASP A 289 -6.36 28.62 5.93
C ASP A 289 -5.50 29.25 4.84
N LEU A 290 -5.19 28.46 3.80
CA LEU A 290 -4.31 28.93 2.72
C LEU A 290 -5.07 29.83 1.74
N GLU A 291 -6.21 29.34 1.24
CA GLU A 291 -7.13 30.10 0.40
C GLU A 291 -8.55 29.57 0.60
N PRO A 292 -9.43 30.38 1.20
CA PRO A 292 -10.79 29.94 1.57
C PRO A 292 -11.59 29.43 0.39
N ASN A 293 -12.28 28.30 0.57
CA ASN A 293 -13.23 27.77 -0.40
C ASN A 293 -12.61 27.69 -1.79
N TYR A 294 -11.41 27.11 -1.86
CA TYR A 294 -10.86 26.83 -3.16
C TYR A 294 -10.44 25.37 -3.36
N TYR A 295 -9.63 24.86 -2.42
CA TYR A 295 -8.83 23.69 -2.66
C TYR A 295 -9.62 22.42 -2.66
N HIS A 296 -10.64 22.38 -1.82
CA HIS A 296 -11.45 21.18 -1.68
C HIS A 296 -12.59 21.13 -2.67
N PHE A 297 -13.08 19.91 -2.93
CA PHE A 297 -14.40 19.73 -3.49
C PHE A 297 -15.39 20.35 -2.52
N MET A 298 -16.44 20.99 -3.04
CA MET A 298 -17.48 21.62 -2.21
C MET A 298 -18.92 21.49 -2.72
N ASP A 299 -19.84 21.56 -1.76
CA ASP A 299 -21.23 21.92 -2.05
C ASP A 299 -21.29 23.23 -2.84
N ALA A 300 -22.49 23.53 -3.35
CA ALA A 300 -22.73 24.70 -4.18
C ALA A 300 -22.45 25.99 -3.43
N ASP A 301 -22.74 26.01 -2.13
CA ASP A 301 -22.54 27.23 -1.36
C ASP A 301 -21.10 27.38 -0.87
N GLY A 302 -20.17 26.65 -1.48
CA GLY A 302 -18.74 26.67 -1.11
C GLY A 302 -18.34 25.98 0.19
N THR A 303 -19.21 25.17 0.77
CA THR A 303 -18.83 24.42 1.95
C THR A 303 -17.88 23.30 1.53
N PRO A 304 -16.69 23.22 2.14
CA PRO A 304 -15.84 22.07 1.85
C PRO A 304 -16.51 20.74 2.18
N ARG A 305 -16.39 19.77 1.28
CA ARG A 305 -16.81 18.41 1.57
C ARG A 305 -15.69 17.66 2.26
N THR A 306 -16.08 16.66 3.03
CA THR A 306 -15.24 16.04 4.03
C THR A 306 -15.10 14.50 3.91
N SER A 307 -13.96 13.98 4.34
CA SER A 307 -13.71 12.56 4.33
C SER A 307 -12.73 12.26 5.46
N PHE A 308 -13.02 11.24 6.24
CA PHE A 308 -12.16 10.85 7.37
C PHE A 308 -11.72 12.04 8.27
N GLY A 309 -12.65 12.96 8.52
CA GLY A 309 -12.44 14.02 9.50
C GLY A 309 -11.71 15.20 8.93
N GLY A 310 -11.26 15.08 7.67
CA GLY A 310 -10.55 16.14 7.00
C GLY A 310 -11.22 16.54 5.71
N GLY A 311 -10.56 17.38 4.91
CA GLY A 311 -11.09 17.80 3.63
C GLY A 311 -10.69 16.97 2.42
N ARG A 312 -11.58 16.98 1.43
CA ARG A 312 -11.42 16.25 0.17
C ARG A 312 -10.73 17.12 -0.79
N LEU A 313 -9.53 16.76 -1.24
CA LEU A 313 -8.85 17.60 -2.21
C LEU A 313 -9.49 17.47 -3.60
N GLY A 314 -9.89 18.61 -4.14
CA GLY A 314 -10.60 18.68 -5.42
C GLY A 314 -9.62 18.81 -6.56
N THR A 315 -9.20 17.67 -7.11
CA THR A 315 -8.07 17.66 -8.06
C THR A 315 -8.45 18.21 -9.46
N THR A 316 -9.74 18.48 -9.65
CA THR A 316 -10.25 19.22 -10.81
C THR A 316 -9.88 20.70 -10.81
N HIS A 317 -9.48 21.21 -9.64
CA HIS A 317 -9.19 22.62 -9.49
C HIS A 317 -7.71 22.89 -9.73
N HIS A 318 -7.42 23.89 -10.54
CA HIS A 318 -6.07 24.16 -11.05
C HIS A 318 -4.90 24.00 -10.04
N MET A 319 -4.95 24.71 -8.90
CA MET A 319 -3.86 24.64 -7.91
C MET A 319 -3.85 23.30 -7.14
N THR A 320 -5.01 22.66 -7.01
CA THR A 320 -5.10 21.37 -6.32
C THR A 320 -4.55 20.26 -7.22
N LYS A 321 -4.76 20.44 -8.52
CA LYS A 321 -4.31 19.50 -9.53
C LYS A 321 -2.81 19.55 -9.58
N ARG A 322 -2.27 20.76 -9.59
CA ARG A 322 -0.85 20.91 -9.66
C ARG A 322 -0.15 20.51 -8.34
N LEU A 323 -0.83 20.71 -7.22
CA LEU A 323 -0.36 20.12 -5.96
C LEU A 323 -0.15 18.60 -6.13
N LEU A 324 -1.13 17.92 -6.71
CA LEU A 324 -1.02 16.47 -6.88
C LEU A 324 0.15 16.15 -7.84
N ILE A 325 0.22 16.87 -8.94
CA ILE A 325 1.23 16.58 -9.94
C ILE A 325 2.65 16.94 -9.53
N ASP A 326 2.86 18.15 -9.00
CA ASP A 326 4.14 18.56 -8.47
C ASP A 326 4.69 17.61 -7.41
N SER A 327 3.80 17.10 -6.55
CA SER A 327 4.15 16.17 -5.48
C SER A 327 4.64 14.84 -6.06
N ILE A 328 3.85 14.29 -6.99
CA ILE A 328 4.26 13.12 -7.74
C ILE A 328 5.62 13.36 -8.39
N LYS A 329 5.76 14.44 -9.15
CA LYS A 329 7.03 14.69 -9.84
C LYS A 329 8.21 14.88 -8.90
N TYR A 330 7.98 15.62 -7.83
CA TYR A 330 8.98 15.89 -6.80
C TYR A 330 9.43 14.64 -6.08
N LEU A 331 8.49 13.75 -5.76
CA LEU A 331 8.81 12.48 -5.08
C LEU A 331 9.58 11.53 -5.98
N VAL A 332 9.20 11.48 -7.26
CA VAL A 332 9.88 10.63 -8.22
C VAL A 332 11.28 11.18 -8.38
N ASP A 333 11.42 12.47 -8.61
CA ASP A 333 12.75 13.07 -8.89
C ASP A 333 13.70 13.07 -7.69
N THR A 334 13.16 13.37 -6.50
CA THR A 334 13.96 13.54 -5.31
C THR A 334 14.37 12.17 -4.72
N TYR A 335 13.40 11.27 -4.61
CA TYR A 335 13.61 9.98 -3.99
C TYR A 335 13.78 8.84 -4.98
N LYS A 336 13.54 9.08 -6.26
CA LYS A 336 13.89 8.14 -7.34
C LYS A 336 13.07 6.85 -7.21
N VAL A 337 11.80 7.00 -6.82
CA VAL A 337 10.96 5.84 -6.55
C VAL A 337 10.42 5.24 -7.85
N ASP A 338 9.90 4.03 -7.71
CA ASP A 338 9.54 3.19 -8.83
C ASP A 338 8.03 3.07 -9.00
N GLY A 339 7.26 3.73 -8.14
CA GLY A 339 5.83 3.77 -8.35
C GLY A 339 5.00 4.37 -7.23
N PHE A 340 3.68 4.47 -7.46
CA PHE A 340 2.72 4.97 -6.48
C PHE A 340 1.48 4.11 -6.39
N ARG A 341 0.96 3.96 -5.17
CA ARG A 341 -0.38 3.38 -4.94
C ARG A 341 -1.33 4.47 -4.44
N PHE A 342 -2.34 4.80 -5.26
CA PHE A 342 -3.34 5.80 -4.89
C PHE A 342 -4.43 5.32 -3.92
N ASP A 343 -4.54 5.99 -2.79
CA ASP A 343 -5.53 5.65 -1.80
C ASP A 343 -6.82 6.16 -2.37
N MET A 344 -7.90 5.37 -2.23
CA MET A 344 -9.22 5.72 -2.72
C MET A 344 -9.11 6.46 -4.04
N MET A 345 -8.54 5.81 -5.05
CA MET A 345 -8.24 6.52 -6.31
C MET A 345 -9.51 6.96 -7.03
N GLY A 346 -10.60 6.30 -6.65
CA GLY A 346 -11.91 6.62 -7.16
C GLY A 346 -12.45 7.98 -6.73
N ASP A 347 -11.81 8.60 -5.74
CA ASP A 347 -12.23 9.92 -5.31
C ASP A 347 -11.76 10.92 -6.34
N HIS A 348 -10.77 10.55 -7.15
CA HIS A 348 -10.19 11.48 -8.14
C HIS A 348 -10.78 11.38 -9.53
N ASP A 349 -10.73 12.51 -10.25
CA ASP A 349 -11.07 12.55 -11.68
C ASP A 349 -9.99 11.84 -12.50
N ALA A 350 -10.40 11.08 -13.51
CA ALA A 350 -9.45 10.37 -14.38
C ALA A 350 -8.28 11.20 -14.89
N ALA A 351 -8.58 12.44 -15.27
CA ALA A 351 -7.61 13.30 -15.98
C ALA A 351 -6.40 13.58 -15.12
N SER A 352 -6.65 13.85 -13.85
CA SER A 352 -5.59 14.08 -12.88
C SER A 352 -4.66 12.89 -12.76
N ILE A 353 -5.23 11.72 -12.55
CA ILE A 353 -4.46 10.50 -12.39
C ILE A 353 -3.64 10.16 -13.66
N GLU A 354 -4.28 10.30 -14.83
CA GLU A 354 -3.64 10.10 -16.13
C GLU A 354 -2.41 10.98 -16.29
N GLU A 355 -2.56 12.29 -16.04
CA GLU A 355 -1.46 13.25 -16.10
C GLU A 355 -0.39 13.01 -15.05
N ALA A 356 -0.79 12.55 -13.87
CA ALA A 356 0.20 12.14 -12.89
C ALA A 356 1.01 10.97 -13.47
N TYR A 357 0.36 9.95 -14.01
CA TYR A 357 1.09 8.86 -14.67
C TYR A 357 2.08 9.36 -15.70
N LYS A 358 1.65 10.27 -16.56
CA LYS A 358 2.49 10.71 -17.69
C LYS A 358 3.71 11.49 -17.22
N ALA A 359 3.53 12.31 -16.19
CA ALA A 359 4.64 13.11 -15.67
C ALA A 359 5.66 12.24 -14.92
N ALA A 360 5.17 11.26 -14.15
CA ALA A 360 6.03 10.31 -13.44
C ALA A 360 6.82 9.44 -14.41
N ARG A 361 6.13 8.85 -15.38
CA ARG A 361 6.75 8.15 -16.53
C ARG A 361 7.73 9.02 -17.35
N ALA A 362 7.51 10.34 -17.42
CA ALA A 362 8.48 11.19 -18.13
C ALA A 362 9.80 11.28 -17.37
N LEU A 363 9.74 11.06 -16.06
CA LEU A 363 10.97 11.09 -15.26
C LEU A 363 11.60 9.69 -15.20
N ASN A 364 10.78 8.68 -14.91
CA ASN A 364 11.20 7.29 -14.80
C ASN A 364 10.33 6.45 -15.73
N PRO A 365 10.87 6.13 -16.93
CA PRO A 365 10.09 5.45 -17.95
C PRO A 365 9.65 4.04 -17.53
N ASN A 366 10.14 3.51 -16.39
CA ASN A 366 9.69 2.18 -15.88
C ASN A 366 8.76 2.18 -14.66
N LEU A 367 8.23 3.35 -14.30
CA LEU A 367 7.35 3.50 -13.16
C LEU A 367 5.97 2.89 -13.42
N ILE A 368 5.38 2.34 -12.36
CA ILE A 368 4.05 1.74 -12.44
C ILE A 368 3.16 2.40 -11.42
N MET A 369 1.85 2.24 -11.59
CA MET A 369 0.87 2.78 -10.68
C MET A 369 -0.29 1.86 -10.57
N LEU A 370 -0.85 1.83 -9.37
CA LEU A 370 -2.07 1.13 -9.10
C LEU A 370 -2.80 2.00 -8.11
N GLY A 371 -4.08 1.72 -7.91
CA GLY A 371 -4.86 2.37 -6.88
C GLY A 371 -6.09 1.62 -6.44
N GLU A 372 -6.71 2.12 -5.40
CA GLU A 372 -8.02 1.61 -4.99
C GLU A 372 -9.05 2.16 -5.99
N GLY A 373 -9.62 1.29 -6.80
CA GLY A 373 -10.53 1.74 -7.85
C GLY A 373 -11.99 1.67 -7.47
N TRP A 374 -12.28 1.66 -6.17
CA TRP A 374 -13.68 1.63 -5.70
C TRP A 374 -14.43 2.82 -6.24
N ARG A 375 -15.73 2.61 -6.46
CA ARG A 375 -16.60 3.63 -7.05
C ARG A 375 -17.10 4.56 -5.92
N THR A 376 -16.31 5.58 -5.61
CA THR A 376 -16.59 6.44 -4.48
C THR A 376 -16.65 7.91 -4.88
N TYR A 377 -16.55 8.25 -6.15
CA TYR A 377 -16.46 9.66 -6.55
C TYR A 377 -17.49 10.54 -5.82
N ALA A 378 -17.06 11.66 -5.26
CA ALA A 378 -18.05 12.61 -4.71
C ALA A 378 -17.96 13.93 -5.48
N GLY A 379 -16.76 14.50 -5.57
CA GLY A 379 -16.53 15.66 -6.44
C GLY A 379 -17.24 16.94 -6.04
N ASP A 380 -17.23 17.92 -6.94
CA ASP A 380 -18.00 19.14 -6.67
C ASP A 380 -19.50 18.85 -6.88
N GLU A 381 -20.33 19.54 -6.12
CA GLU A 381 -21.77 19.37 -6.22
C GLU A 381 -22.22 19.81 -7.58
N ASN A 382 -23.01 18.97 -8.24
CA ASN A 382 -23.52 19.27 -9.59
C ASN A 382 -22.44 19.34 -10.68
N MET A 383 -21.28 18.69 -10.45
CA MET A 383 -20.28 18.60 -11.51
C MET A 383 -19.75 17.16 -11.74
N PRO A 384 -20.63 16.21 -12.15
CA PRO A 384 -20.14 14.89 -12.52
C PRO A 384 -18.93 14.97 -13.43
N THR A 385 -18.01 14.04 -13.25
CA THR A 385 -16.70 14.01 -13.90
C THR A 385 -16.34 12.53 -14.00
N LYS A 386 -15.67 12.11 -15.08
CA LYS A 386 -15.23 10.70 -15.16
C LYS A 386 -14.16 10.44 -14.08
N ALA A 387 -14.38 9.39 -13.27
CA ALA A 387 -13.52 9.07 -12.14
C ALA A 387 -12.43 8.02 -12.43
N ALA A 388 -11.37 8.07 -11.62
CA ALA A 388 -10.25 7.13 -11.72
C ALA A 388 -10.53 5.88 -10.93
N ASP A 389 -11.59 5.17 -11.32
CA ASP A 389 -12.05 3.96 -10.66
C ASP A 389 -12.00 2.73 -11.56
N GLN A 390 -12.51 1.59 -11.10
CA GLN A 390 -12.55 0.36 -11.87
C GLN A 390 -13.17 0.50 -13.28
N ASP A 391 -14.25 1.27 -13.40
CA ASP A 391 -14.93 1.49 -14.70
C ASP A 391 -14.06 2.27 -15.69
N TRP A 392 -12.97 2.87 -15.20
CA TRP A 392 -12.00 3.59 -16.03
C TRP A 392 -11.04 2.63 -16.74
N MET A 393 -10.92 1.39 -16.26
CA MET A 393 -9.92 0.46 -16.83
C MET A 393 -10.07 0.21 -18.35
N LYS A 394 -11.30 0.31 -18.85
CA LYS A 394 -11.58 0.14 -20.29
C LYS A 394 -11.15 1.33 -21.15
N HIS A 395 -10.74 2.44 -20.54
CA HIS A 395 -10.29 3.58 -21.34
C HIS A 395 -8.80 3.89 -21.14
N THR A 396 -8.07 3.03 -20.43
CA THR A 396 -6.64 3.28 -20.16
C THR A 396 -5.86 1.99 -19.89
N ASP A 397 -4.58 2.01 -20.26
CA ASP A 397 -3.62 0.95 -19.91
C ASP A 397 -2.43 1.65 -19.26
N THR A 398 -2.68 2.18 -18.07
CA THR A 398 -1.72 2.97 -17.36
C THR A 398 -1.69 2.50 -15.90
N VAL A 399 -2.59 3.04 -15.07
CA VAL A 399 -2.71 2.73 -13.64
C VAL A 399 -3.66 1.56 -13.42
N ALA A 400 -3.20 0.53 -12.72
CA ALA A 400 -4.02 -0.63 -12.42
C ALA A 400 -4.83 -0.45 -11.14
N VAL A 401 -5.81 -1.34 -10.91
CA VAL A 401 -6.67 -1.27 -9.74
C VAL A 401 -6.76 -2.61 -9.00
N PHE A 402 -7.04 -2.56 -7.70
CA PHE A 402 -7.26 -3.74 -6.91
C PHE A 402 -8.47 -4.50 -7.40
N SER A 403 -8.38 -5.84 -7.43
CA SER A 403 -9.56 -6.65 -7.73
C SER A 403 -10.25 -7.18 -6.50
N ASP A 404 -11.41 -6.61 -6.19
CA ASP A 404 -12.21 -7.13 -5.06
C ASP A 404 -12.96 -8.42 -5.42
N ASP A 405 -13.15 -8.69 -6.70
CA ASP A 405 -13.87 -9.87 -7.16
C ASP A 405 -13.09 -11.14 -6.85
N ILE A 406 -11.77 -11.14 -7.04
CA ILE A 406 -10.96 -12.33 -6.72
C ILE A 406 -10.83 -12.50 -5.19
N ARG A 407 -10.61 -11.37 -4.53
CA ARG A 407 -10.56 -11.31 -3.06
C ARG A 407 -11.84 -11.88 -2.49
N ASN A 408 -12.99 -11.32 -2.93
CA ASN A 408 -14.30 -11.78 -2.48
C ASN A 408 -14.54 -13.22 -2.80
N ASN A 409 -14.29 -13.63 -4.06
CA ASN A 409 -14.53 -15.01 -4.45
C ASN A 409 -13.66 -16.05 -3.76
N LEU A 410 -12.40 -15.72 -3.47
CA LEU A 410 -11.47 -16.71 -2.85
C LEU A 410 -11.60 -16.92 -1.34
N LYS A 411 -11.46 -15.83 -0.59
CA LYS A 411 -11.67 -15.81 0.86
C LYS A 411 -12.74 -14.72 1.02
N SER A 412 -12.94 -14.06 2.12
CA SER A 412 -14.12 -13.19 1.96
C SER A 412 -13.77 -11.75 1.53
N GLY A 413 -14.78 -10.90 1.40
CA GLY A 413 -14.58 -9.47 1.24
C GLY A 413 -15.84 -8.70 1.54
N TYR A 414 -15.74 -7.38 1.67
CA TYR A 414 -16.90 -6.51 1.83
C TYR A 414 -17.92 -6.78 0.68
N PRO A 415 -19.22 -6.91 1.04
CA PRO A 415 -19.82 -6.72 2.38
C PRO A 415 -20.06 -8.00 3.16
N ASN A 416 -19.49 -9.13 2.70
CA ASN A 416 -19.72 -10.42 3.35
C ASN A 416 -18.52 -11.03 4.08
N GLU A 417 -17.64 -10.19 4.65
CA GLU A 417 -16.43 -10.68 5.34
C GLU A 417 -16.70 -11.81 6.31
N GLY A 418 -15.88 -12.86 6.23
CA GLY A 418 -16.05 -14.02 7.08
C GLY A 418 -16.98 -15.10 6.54
N GLN A 419 -17.65 -14.86 5.42
CA GLN A 419 -18.49 -15.91 4.83
C GLN A 419 -17.66 -16.93 4.05
N PRO A 420 -17.92 -18.24 4.22
CA PRO A 420 -17.20 -19.25 3.45
C PRO A 420 -17.07 -18.88 1.97
N ALA A 421 -15.88 -19.05 1.39
CA ALA A 421 -15.63 -18.76 -0.04
C ALA A 421 -14.67 -19.82 -0.59
N PHE A 422 -14.15 -19.59 -1.79
CA PHE A 422 -13.48 -20.66 -2.52
C PHE A 422 -12.42 -21.45 -1.74
N ILE A 423 -11.57 -20.75 -1.00
CA ILE A 423 -10.52 -21.44 -0.25
C ILE A 423 -10.93 -21.66 1.19
N THR A 424 -12.16 -21.27 1.55
CA THR A 424 -12.66 -21.39 2.93
C THR A 424 -13.94 -22.22 3.11
N GLY A 425 -14.18 -23.16 2.17
CA GLY A 425 -15.23 -24.15 2.35
C GLY A 425 -16.56 -23.73 1.74
N GLY A 426 -16.56 -22.60 1.03
CA GLY A 426 -17.77 -22.04 0.44
C GLY A 426 -17.64 -22.12 -1.05
N LYS A 427 -18.54 -22.88 -1.69
CA LYS A 427 -18.36 -23.21 -3.09
C LYS A 427 -18.67 -22.03 -4.01
N ARG A 428 -17.96 -21.92 -5.12
CA ARG A 428 -18.17 -20.78 -6.02
C ARG A 428 -18.29 -21.15 -7.49
N ASP A 429 -18.98 -20.29 -8.24
CA ASP A 429 -19.15 -20.43 -9.66
C ASP A 429 -17.78 -20.60 -10.32
N VAL A 430 -17.60 -21.75 -10.96
CA VAL A 430 -16.28 -22.16 -11.48
C VAL A 430 -15.85 -21.27 -12.62
N ASN A 431 -16.79 -20.94 -13.51
CA ASN A 431 -16.52 -19.92 -14.53
C ASN A 431 -16.00 -18.57 -13.95
N THR A 432 -16.59 -18.14 -12.85
CA THR A 432 -16.21 -16.89 -12.16
C THR A 432 -14.80 -16.97 -11.58
N ILE A 433 -14.51 -18.08 -10.91
CA ILE A 433 -13.17 -18.33 -10.39
C ILE A 433 -12.15 -18.26 -11.51
N PHE A 434 -12.44 -18.95 -12.62
CA PHE A 434 -11.54 -18.98 -13.78
C PHE A 434 -11.37 -17.62 -14.48
N LYS A 435 -12.47 -16.91 -14.67
CA LYS A 435 -12.41 -15.56 -15.23
C LYS A 435 -11.55 -14.64 -14.35
N ASN A 436 -11.65 -14.80 -13.03
CA ASN A 436 -10.74 -14.05 -12.16
C ASN A 436 -9.28 -14.45 -12.32
N LEU A 437 -9.02 -15.75 -12.39
CA LEU A 437 -7.63 -16.17 -12.50
C LEU A 437 -6.96 -15.72 -13.78
N ILE A 438 -7.73 -15.47 -14.85
CA ILE A 438 -7.17 -14.98 -16.12
C ILE A 438 -7.31 -13.47 -16.23
N ALA A 439 -7.52 -12.84 -15.07
CA ALA A 439 -7.55 -11.37 -14.94
C ALA A 439 -8.64 -10.73 -15.80
N GLN A 440 -9.80 -11.40 -15.81
CA GLN A 440 -11.06 -10.81 -16.26
C GLN A 440 -12.13 -10.87 -15.15
N PRO A 441 -12.01 -10.00 -14.13
CA PRO A 441 -13.04 -9.98 -13.09
C PRO A 441 -14.44 -9.61 -13.65
N THR A 442 -15.46 -10.07 -12.95
CA THR A 442 -16.83 -9.93 -13.41
C THR A 442 -17.52 -8.64 -12.98
N ASN A 443 -16.86 -7.81 -12.18
CA ASN A 443 -17.52 -6.61 -11.64
C ASN A 443 -17.02 -5.35 -12.28
N PHE A 444 -16.05 -5.52 -13.17
CA PHE A 444 -15.62 -4.47 -14.09
C PHE A 444 -14.88 -5.04 -15.30
N GLU A 445 -14.82 -4.26 -16.38
CA GLU A 445 -14.10 -4.65 -17.61
C GLU A 445 -12.60 -4.36 -17.59
N ALA A 446 -11.79 -5.42 -17.53
CA ALA A 446 -10.35 -5.37 -17.73
C ALA A 446 -9.96 -5.80 -19.16
N ASP A 447 -9.73 -4.83 -20.05
CA ASP A 447 -9.34 -5.12 -21.44
C ASP A 447 -7.82 -5.32 -21.61
N SER A 448 -7.07 -5.40 -20.51
CA SER A 448 -5.65 -5.84 -20.50
C SER A 448 -5.37 -6.42 -19.11
N PRO A 449 -4.62 -7.55 -19.01
CA PRO A 449 -4.46 -8.17 -17.70
C PRO A 449 -3.65 -7.32 -16.73
N GLY A 450 -2.86 -6.40 -17.24
CA GLY A 450 -2.15 -5.44 -16.41
C GLY A 450 -3.02 -4.38 -15.75
N ASP A 451 -4.30 -4.28 -16.14
CA ASP A 451 -5.28 -3.42 -15.46
C ASP A 451 -5.63 -3.94 -14.05
N VAL A 452 -5.32 -5.21 -13.80
CA VAL A 452 -5.81 -5.95 -12.64
C VAL A 452 -4.70 -6.16 -11.61
N ILE A 453 -4.89 -5.64 -10.39
CA ILE A 453 -4.05 -6.00 -9.27
C ILE A 453 -4.72 -7.12 -8.49
N GLN A 454 -4.12 -8.30 -8.51
CA GLN A 454 -4.73 -9.48 -7.94
C GLN A 454 -4.28 -9.63 -6.50
N TYR A 455 -5.24 -9.74 -5.60
CA TYR A 455 -4.93 -9.84 -4.17
C TYR A 455 -6.03 -10.56 -3.40
N ILE A 456 -5.69 -11.13 -2.24
CA ILE A 456 -6.59 -11.76 -1.29
C ILE A 456 -6.37 -11.28 0.16
N ALA A 457 -5.35 -10.45 0.36
CA ALA A 457 -5.13 -9.81 1.64
C ALA A 457 -4.32 -8.56 1.43
N ALA A 458 -4.45 -7.63 2.38
CA ALA A 458 -3.69 -6.36 2.43
C ALA A 458 -3.67 -5.87 3.88
N HIS A 459 -3.20 -4.65 4.11
CA HIS A 459 -3.12 -4.12 5.47
C HIS A 459 -4.50 -3.92 6.09
N ASP A 460 -5.46 -3.59 5.24
CA ASP A 460 -6.84 -3.51 5.65
C ASP A 460 -7.41 -4.87 5.93
N ASP A 461 -8.35 -4.93 6.87
CA ASP A 461 -9.11 -6.15 7.10
C ASP A 461 -8.29 -7.20 7.87
N LEU A 462 -8.85 -8.38 8.08
CA LEU A 462 -8.13 -9.45 8.76
C LEU A 462 -7.09 -9.95 7.81
N THR A 463 -5.92 -10.23 8.33
CA THR A 463 -4.89 -10.91 7.57
C THR A 463 -5.42 -12.21 6.96
N LEU A 464 -4.67 -12.78 6.00
CA LEU A 464 -5.07 -14.03 5.33
C LEU A 464 -5.24 -15.20 6.27
N PHE A 465 -4.28 -15.40 7.17
CA PHE A 465 -4.39 -16.39 8.23
C PHE A 465 -5.64 -16.16 9.09
N ASP A 466 -5.84 -14.93 9.54
CA ASP A 466 -6.97 -14.60 10.42
C ASP A 466 -8.31 -14.79 9.70
N ILE A 467 -8.40 -14.35 8.46
CA ILE A 467 -9.67 -14.43 7.75
C ILE A 467 -10.06 -15.91 7.52
N ILE A 468 -9.08 -16.75 7.20
CA ILE A 468 -9.33 -18.18 6.99
C ILE A 468 -9.80 -18.84 8.28
N ALA A 469 -9.12 -18.53 9.38
CA ALA A 469 -9.53 -19.08 10.66
C ALA A 469 -10.95 -18.65 11.04
N GLN A 470 -11.31 -17.39 10.80
CA GLN A 470 -12.68 -16.97 11.01
C GLN A 470 -13.67 -17.69 10.08
N SER A 471 -13.29 -17.83 8.82
CA SER A 471 -14.19 -18.37 7.79
C SER A 471 -14.53 -19.88 7.92
N ILE A 472 -13.54 -20.71 8.21
CA ILE A 472 -13.76 -22.14 8.42
C ILE A 472 -14.09 -22.43 9.89
N LYS A 473 -13.99 -21.40 10.74
CA LYS A 473 -14.35 -21.50 12.17
C LYS A 473 -13.55 -22.56 12.95
N LYS A 474 -12.24 -22.59 12.74
CA LYS A 474 -11.36 -23.54 13.41
C LYS A 474 -10.24 -22.83 14.21
N ASP A 475 -10.23 -23.04 15.52
CA ASP A 475 -9.29 -22.35 16.40
C ASP A 475 -7.85 -22.81 16.16
N PRO A 476 -6.97 -21.87 15.76
CA PRO A 476 -5.62 -22.17 15.31
C PRO A 476 -4.72 -22.69 16.43
N SER A 477 -5.23 -22.63 17.66
CA SER A 477 -4.47 -23.05 18.81
C SER A 477 -4.44 -24.57 18.94
N LYS A 478 -5.08 -25.26 17.99
CA LYS A 478 -5.01 -26.70 17.96
C LYS A 478 -4.13 -27.06 16.79
N ALA A 479 -3.08 -27.81 17.07
CA ALA A 479 -2.08 -28.12 16.07
C ALA A 479 -2.67 -28.49 14.70
N GLU A 480 -3.76 -29.26 14.74
CA GLU A 480 -4.39 -29.78 13.54
C GLU A 480 -5.16 -28.70 12.76
N ASN A 481 -5.68 -27.69 13.47
CA ASN A 481 -6.34 -26.59 12.80
C ASN A 481 -5.29 -25.65 12.20
N TYR A 482 -4.29 -25.28 12.99
CA TYR A 482 -3.11 -24.54 12.53
C TYR A 482 -2.67 -25.07 11.16
N ALA A 483 -2.43 -26.39 11.10
CA ALA A 483 -1.97 -27.03 9.87
C ALA A 483 -2.98 -26.88 8.74
N GLU A 484 -4.27 -27.02 9.04
CA GLU A 484 -5.33 -26.86 8.02
C GLU A 484 -5.39 -25.44 7.44
N ILE A 485 -5.21 -24.44 8.29
CA ILE A 485 -5.28 -23.02 7.84
C ILE A 485 -4.14 -22.71 6.89
N HIS A 486 -2.96 -23.20 7.24
CA HIS A 486 -1.80 -23.12 6.41
C HIS A 486 -1.97 -23.80 5.08
N ARG A 487 -2.50 -25.03 5.09
CA ARG A 487 -2.87 -25.73 3.84
C ARG A 487 -3.77 -24.82 2.97
N ARG A 488 -4.72 -24.16 3.58
CA ARG A 488 -5.59 -23.22 2.86
C ARG A 488 -4.87 -21.94 2.40
N LEU A 489 -4.08 -21.34 3.30
CA LEU A 489 -3.22 -20.18 2.98
C LEU A 489 -2.39 -20.39 1.72
N ARG A 490 -1.69 -21.53 1.67
CA ARG A 490 -0.83 -21.90 0.54
C ARG A 490 -1.60 -22.02 -0.78
N LEU A 491 -2.78 -22.64 -0.67
CA LEU A 491 -3.71 -22.78 -1.75
C LEU A 491 -4.01 -21.41 -2.34
N GLY A 492 -4.41 -20.48 -1.48
CA GLY A 492 -4.78 -19.16 -1.96
C GLY A 492 -3.61 -18.46 -2.64
N ASN A 493 -2.46 -18.54 -1.99
CA ASN A 493 -1.25 -17.89 -2.48
C ASN A 493 -0.82 -18.50 -3.79
N LEU A 494 -1.04 -19.81 -3.95
CA LEU A 494 -0.77 -20.43 -5.23
C LEU A 494 -1.69 -19.83 -6.27
N MET A 495 -2.97 -19.71 -5.94
CA MET A 495 -3.96 -19.22 -6.92
C MET A 495 -3.67 -17.81 -7.40
N VAL A 496 -3.27 -16.93 -6.50
CA VAL A 496 -2.90 -15.56 -6.87
C VAL A 496 -1.60 -15.54 -7.69
N LEU A 497 -0.56 -16.17 -7.16
CA LEU A 497 0.77 -16.17 -7.81
C LEU A 497 0.84 -16.84 -9.20
N THR A 498 -0.13 -17.72 -9.50
CA THR A 498 -0.25 -18.27 -10.87
C THR A 498 -1.26 -17.57 -11.78
N ALA A 499 -2.07 -16.67 -11.22
CA ALA A 499 -3.08 -15.91 -11.96
C ALA A 499 -2.43 -14.84 -12.86
N GLN A 500 -3.10 -14.51 -13.97
CA GLN A 500 -2.66 -13.37 -14.78
C GLN A 500 -2.98 -12.07 -14.02
N GLY A 501 -2.44 -10.96 -14.51
CA GLY A 501 -2.49 -9.70 -13.79
C GLY A 501 -1.20 -9.46 -13.04
N THR A 502 -1.26 -8.60 -12.01
CA THR A 502 -0.14 -8.25 -11.18
C THR A 502 -0.49 -8.71 -9.79
N PRO A 503 0.30 -9.64 -9.26
CA PRO A 503 0.02 -10.13 -7.91
C PRO A 503 0.51 -9.16 -6.81
N PHE A 504 -0.19 -9.17 -5.68
CA PHE A 504 0.00 -8.26 -4.59
C PHE A 504 0.03 -9.10 -3.36
N ILE A 505 1.06 -8.91 -2.55
CA ILE A 505 1.27 -9.69 -1.34
C ILE A 505 1.35 -8.77 -0.14
N HIS A 506 0.44 -8.97 0.83
CA HIS A 506 0.51 -8.23 2.06
C HIS A 506 1.72 -8.75 2.81
N SER A 507 2.51 -7.86 3.36
CA SER A 507 3.64 -8.29 4.17
C SER A 507 3.15 -9.21 5.30
N GLY A 508 3.75 -10.40 5.38
CA GLY A 508 3.35 -11.39 6.34
C GLY A 508 2.38 -12.44 5.79
N GLN A 509 1.83 -12.17 4.62
CA GLN A 509 0.88 -13.07 3.97
C GLN A 509 1.61 -14.33 3.55
N GLU A 510 2.93 -14.21 3.42
CA GLU A 510 3.79 -15.34 3.07
C GLU A 510 4.02 -16.33 4.23
N TYR A 511 4.03 -15.86 5.48
CA TYR A 511 4.31 -16.73 6.62
C TYR A 511 3.09 -17.09 7.49
N GLY A 512 1.99 -16.36 7.34
CA GLY A 512 0.78 -16.59 8.14
C GLY A 512 0.66 -15.64 9.32
N ARG A 513 0.80 -14.36 9.02
CA ARG A 513 0.80 -13.29 9.99
C ARG A 513 -0.57 -13.13 10.60
N THR A 514 -0.61 -12.91 11.93
CA THR A 514 -1.87 -12.74 12.65
C THR A 514 -1.98 -11.39 13.40
N LYS A 515 -3.21 -10.92 13.65
CA LYS A 515 -3.41 -9.75 14.47
C LYS A 515 -4.32 -10.12 15.64
N GLN A 516 -4.20 -11.38 16.10
CA GLN A 516 -4.91 -11.83 17.31
C GLN A 516 -4.54 -10.95 18.50
N PHE A 517 -5.52 -10.40 19.17
CA PHE A 517 -5.32 -9.60 20.37
C PHE A 517 -4.98 -10.50 21.55
N ARG A 518 -3.71 -10.88 21.67
CA ARG A 518 -3.31 -11.82 22.72
C ARG A 518 -2.98 -11.15 24.06
N ASN A 519 -3.84 -10.26 24.51
CA ASN A 519 -3.65 -9.59 25.81
C ASN A 519 -3.99 -10.58 26.92
N PRO A 520 -3.13 -10.68 27.95
CA PRO A 520 -3.38 -11.69 29.01
C PRO A 520 -4.77 -11.59 29.67
N ALA A 521 -5.32 -10.38 29.75
CA ALA A 521 -6.66 -10.15 30.32
C ALA A 521 -7.80 -10.47 29.33
N TYR A 522 -7.42 -11.02 28.17
CA TYR A 522 -8.36 -11.28 27.08
C TYR A 522 -8.22 -12.68 26.55
N ARG A 523 -7.87 -13.63 27.41
CA ARG A 523 -7.86 -15.04 27.00
C ARG A 523 -9.27 -15.54 26.70
N THR A 524 -10.27 -14.93 27.36
CA THR A 524 -11.70 -15.28 27.16
C THR A 524 -12.54 -14.01 26.94
N PRO A 525 -13.73 -14.15 26.33
CA PRO A 525 -14.62 -12.97 26.20
C PRO A 525 -14.67 -12.12 27.46
N VAL A 526 -14.72 -10.81 27.29
CA VAL A 526 -14.79 -9.83 28.37
C VAL A 526 -16.08 -9.00 28.23
N ALA A 527 -16.35 -8.12 29.19
CA ALA A 527 -17.57 -7.31 29.14
C ALA A 527 -17.60 -6.32 27.96
N GLU A 528 -18.82 -5.91 27.58
CA GLU A 528 -19.08 -5.11 26.38
C GLU A 528 -18.19 -3.85 26.25
N ASP A 529 -18.03 -3.12 27.34
CA ASP A 529 -17.30 -1.86 27.33
C ASP A 529 -15.76 -2.01 27.31
N LYS A 530 -15.26 -3.25 27.33
CA LYS A 530 -13.82 -3.52 27.33
C LYS A 530 -13.37 -4.22 26.05
N VAL A 531 -14.33 -4.59 25.20
CA VAL A 531 -14.06 -5.26 23.92
C VAL A 531 -13.09 -4.40 23.10
N PRO A 532 -11.97 -4.99 22.63
CA PRO A 532 -11.04 -4.17 21.82
C PRO A 532 -11.75 -3.49 20.62
N ASN A 533 -11.40 -2.24 20.37
CA ASN A 533 -11.94 -1.51 19.21
C ASN A 533 -11.44 -2.18 17.95
N LYS A 534 -12.26 -2.13 16.90
CA LYS A 534 -11.96 -2.80 15.61
C LYS A 534 -11.63 -4.28 15.75
N SER A 535 -12.40 -4.98 16.60
CA SER A 535 -12.24 -6.41 16.76
C SER A 535 -13.42 -7.22 16.25
N HIS A 536 -13.14 -8.49 16.01
CA HIS A 536 -14.14 -9.52 15.78
C HIS A 536 -13.79 -10.59 16.77
N LEU A 537 -14.81 -11.25 17.29
CA LEU A 537 -14.59 -12.31 18.24
C LEU A 537 -14.74 -13.58 17.45
N LEU A 538 -13.74 -14.45 17.49
CA LEU A 538 -13.77 -15.67 16.69
C LEU A 538 -14.30 -16.89 17.46
N ARG A 539 -15.17 -17.65 16.79
CA ARG A 539 -15.90 -18.80 17.37
C ARG A 539 -15.74 -20.07 16.49
N ASP A 540 -15.77 -21.23 17.13
CA ASP A 540 -15.67 -22.50 16.39
C ASP A 540 -17.05 -22.89 15.84
N LYS A 541 -17.12 -24.06 15.19
CA LYS A 541 -18.38 -24.58 14.63
C LYS A 541 -19.53 -24.71 15.67
N ASP A 542 -19.20 -24.94 16.93
CA ASP A 542 -20.23 -25.03 18.00
C ASP A 542 -20.59 -23.69 18.61
N GLY A 543 -19.90 -22.63 18.19
CA GLY A 543 -20.18 -21.29 18.68
C GLY A 543 -19.40 -20.93 19.92
N ASN A 544 -18.44 -21.76 20.30
CA ASN A 544 -17.56 -21.49 21.45
C ASN A 544 -16.43 -20.57 21.02
N PRO A 545 -16.14 -19.52 21.83
CA PRO A 545 -15.04 -18.61 21.52
C PRO A 545 -13.72 -19.32 21.34
N PHE A 546 -12.86 -18.71 20.53
CA PHE A 546 -11.49 -19.14 20.39
C PHE A 546 -10.82 -18.85 21.73
N ASP A 547 -9.75 -19.59 22.01
CA ASP A 547 -8.77 -19.16 23.00
C ASP A 547 -8.22 -17.82 22.45
N TYR A 548 -8.26 -16.76 23.25
CA TYR A 548 -7.96 -15.37 22.80
C TYR A 548 -8.82 -14.95 21.59
N PRO A 549 -10.14 -14.92 21.80
CA PRO A 549 -11.18 -14.78 20.80
C PRO A 549 -11.15 -13.49 19.98
N TYR A 550 -10.49 -12.43 20.46
CA TYR A 550 -10.54 -11.15 19.75
C TYR A 550 -9.36 -10.97 18.79
N PHE A 551 -9.67 -10.52 17.56
CA PHE A 551 -8.68 -10.35 16.50
C PHE A 551 -9.02 -9.02 15.88
N ILE A 552 -7.99 -8.24 15.51
CA ILE A 552 -8.20 -6.87 15.02
C ILE A 552 -8.35 -6.89 13.50
N HIS A 553 -9.33 -6.16 12.99
CA HIS A 553 -9.59 -6.15 11.55
C HIS A 553 -9.26 -4.79 10.95
N ASP A 554 -9.03 -3.79 11.80
CA ASP A 554 -8.64 -2.48 11.30
C ASP A 554 -7.58 -1.98 12.25
N SER A 555 -6.31 -2.26 11.95
CA SER A 555 -5.23 -2.00 12.92
C SER A 555 -4.52 -0.67 12.79
N TYR A 556 -5.17 0.26 12.08
CA TYR A 556 -4.62 1.60 11.86
C TYR A 556 -4.15 2.31 13.16
N ASP A 557 -4.71 1.88 14.30
CA ASP A 557 -4.53 2.55 15.59
C ASP A 557 -4.23 1.54 16.68
N SER A 558 -3.46 0.52 16.28
CA SER A 558 -3.06 -0.52 17.19
C SER A 558 -1.57 -0.46 17.43
N SER A 559 -1.12 -1.15 18.47
CA SER A 559 0.25 -1.04 18.94
C SER A 559 1.15 -2.07 18.27
N ASP A 560 2.46 -1.96 18.48
CA ASP A 560 3.43 -2.95 18.02
C ASP A 560 3.08 -4.42 18.35
N ALA A 561 2.42 -4.69 19.48
CA ALA A 561 2.10 -6.08 19.79
C ALA A 561 1.09 -6.63 18.79
N VAL A 562 0.20 -5.75 18.32
CA VAL A 562 -0.67 -6.07 17.19
C VAL A 562 0.09 -6.04 15.84
N ASN A 563 0.82 -4.96 15.59
CA ASN A 563 1.28 -4.68 14.23
C ASN A 563 2.65 -5.20 13.80
N LYS A 564 3.44 -5.73 14.71
CA LYS A 564 4.79 -6.15 14.35
C LYS A 564 4.73 -7.33 13.38
N PHE A 565 5.62 -7.28 12.37
CA PHE A 565 5.97 -8.43 11.54
C PHE A 565 6.74 -9.42 12.44
N ASP A 566 6.29 -10.66 12.47
CA ASP A 566 6.88 -11.68 13.32
C ASP A 566 8.04 -12.38 12.66
N TRP A 567 9.25 -12.05 13.06
CA TRP A 567 10.45 -12.58 12.40
C TRP A 567 10.78 -14.04 12.73
N THR A 568 10.42 -14.46 13.94
CA THR A 568 10.69 -15.80 14.35
C THR A 568 9.83 -16.76 13.52
N LYS A 569 8.51 -16.49 13.52
CA LYS A 569 7.54 -17.25 12.72
C LYS A 569 7.89 -17.27 11.23
N ALA A 570 8.47 -16.19 10.72
CA ALA A 570 8.87 -16.08 9.32
C ALA A 570 10.20 -16.78 8.95
N THR A 571 11.10 -16.95 9.91
CA THR A 571 12.46 -17.45 9.59
C THR A 571 12.97 -18.65 10.38
N ASP A 572 12.40 -18.91 11.56
CA ASP A 572 12.87 -20.03 12.38
C ASP A 572 12.14 -21.36 12.06
N GLY A 573 12.74 -22.14 11.15
CA GLY A 573 12.16 -23.39 10.70
C GLY A 573 12.00 -24.42 11.79
N LYS A 574 12.79 -24.29 12.87
CA LYS A 574 12.71 -25.21 14.01
C LYS A 574 11.56 -24.89 14.93
N ALA A 575 11.39 -23.60 15.23
CA ALA A 575 10.38 -23.18 16.17
C ALA A 575 9.00 -23.08 15.53
N TYR A 576 8.95 -22.79 14.24
CA TYR A 576 7.66 -22.65 13.53
C TYR A 576 7.68 -23.25 12.12
N PRO A 577 7.70 -24.60 12.00
CA PRO A 577 7.89 -25.25 10.70
C PRO A 577 6.77 -24.99 9.70
N GLU A 578 5.54 -24.82 10.18
CA GLU A 578 4.39 -24.59 9.30
C GLU A 578 4.47 -23.20 8.65
N ASN A 579 4.82 -22.21 9.47
CA ASN A 579 4.97 -20.84 9.00
C ASN A 579 6.11 -20.76 8.02
N VAL A 580 7.23 -21.40 8.34
CA VAL A 580 8.40 -21.39 7.45
C VAL A 580 8.14 -22.18 6.18
N LYS A 581 7.48 -23.33 6.31
CA LYS A 581 6.94 -24.05 5.13
C LYS A 581 6.10 -23.12 4.23
N SER A 582 5.17 -22.38 4.83
CA SER A 582 4.40 -21.37 4.09
C SER A 582 5.27 -20.31 3.39
N ARG A 583 6.14 -19.61 4.14
CA ARG A 583 7.11 -18.68 3.56
C ARG A 583 7.90 -19.27 2.38
N ASP A 584 8.40 -20.49 2.56
CA ASP A 584 9.17 -21.15 1.48
C ASP A 584 8.30 -21.48 0.28
N TYR A 585 7.02 -21.70 0.54
CA TYR A 585 6.07 -21.95 -0.52
C TYR A 585 5.87 -20.68 -1.35
N MET A 586 5.67 -19.54 -0.68
CA MET A 586 5.55 -18.28 -1.40
C MET A 586 6.76 -17.98 -2.24
N LYS A 587 7.95 -18.04 -1.61
CA LYS A 587 9.22 -17.93 -2.30
C LYS A 587 9.29 -18.79 -3.58
N GLY A 588 8.86 -20.04 -3.51
CA GLY A 588 8.92 -20.94 -4.67
C GLY A 588 7.92 -20.53 -5.71
N LEU A 589 6.77 -20.05 -5.24
CA LEU A 589 5.68 -19.58 -6.11
C LEU A 589 6.10 -18.41 -6.99
N ILE A 590 6.82 -17.47 -6.37
CA ILE A 590 7.33 -16.28 -7.06
C ILE A 590 8.45 -16.70 -8.00
N ALA A 591 9.29 -17.62 -7.54
CA ALA A 591 10.27 -18.25 -8.44
C ALA A 591 9.58 -18.95 -9.61
N LEU A 592 8.54 -19.75 -9.34
CA LEU A 592 7.75 -20.38 -10.42
C LEU A 592 7.24 -19.35 -11.41
N ARG A 593 6.58 -18.33 -10.91
CA ARG A 593 6.03 -17.29 -11.78
C ARG A 593 7.10 -16.64 -12.62
N GLN A 594 8.30 -16.54 -12.07
CA GLN A 594 9.33 -15.71 -12.72
C GLN A 594 10.11 -16.46 -13.81
N SER A 595 9.91 -17.78 -13.87
CA SER A 595 10.66 -18.69 -14.77
C SER A 595 10.09 -18.83 -16.18
N THR A 596 8.97 -18.16 -16.43
CA THR A 596 8.19 -18.32 -17.66
C THR A 596 7.26 -17.13 -17.76
N ASP A 597 6.85 -16.74 -18.94
CA ASP A 597 5.80 -15.71 -18.93
C ASP A 597 4.37 -16.25 -19.22
N ALA A 598 4.16 -17.53 -18.91
CA ALA A 598 2.87 -18.19 -19.08
C ALA A 598 1.81 -17.62 -18.13
N PHE A 599 2.28 -17.25 -16.94
CA PHE A 599 1.43 -16.72 -15.89
C PHE A 599 1.28 -15.20 -15.99
N ARG A 600 2.04 -14.58 -16.89
CA ARG A 600 1.99 -13.14 -16.99
C ARG A 600 1.91 -12.60 -18.41
N LEU A 601 0.98 -13.15 -19.18
CA LEU A 601 0.75 -12.75 -20.56
C LEU A 601 0.37 -11.29 -20.67
N LYS A 602 0.62 -10.73 -21.86
CA LYS A 602 0.66 -9.31 -22.05
C LYS A 602 -0.57 -8.70 -22.73
N SER A 603 -1.52 -9.53 -23.14
CA SER A 603 -2.70 -9.04 -23.83
C SER A 603 -3.90 -9.94 -23.57
N LEU A 604 -5.08 -9.37 -23.75
CA LEU A 604 -6.36 -10.05 -23.62
C LEU A 604 -6.45 -11.13 -24.70
N GLN A 605 -6.08 -10.77 -25.93
CA GLN A 605 -6.15 -11.70 -27.07
C GLN A 605 -5.23 -12.93 -26.92
N ASP A 606 -4.09 -12.73 -26.27
CA ASP A 606 -3.15 -13.81 -26.06
C ASP A 606 -3.59 -14.73 -24.91
N ILE A 607 -4.41 -14.21 -24.01
CA ILE A 607 -4.85 -15.01 -22.86
C ILE A 607 -5.91 -15.99 -23.34
N LYS A 608 -6.81 -15.49 -24.19
CA LYS A 608 -7.87 -16.33 -24.73
C LYS A 608 -7.36 -17.43 -25.67
N ASP A 609 -6.25 -17.20 -26.38
CA ASP A 609 -5.59 -18.25 -27.20
C ASP A 609 -4.98 -19.35 -26.33
N ARG A 610 -4.34 -18.95 -25.23
CA ARG A 610 -3.45 -19.88 -24.51
C ARG A 610 -4.00 -20.55 -23.27
N VAL A 611 -5.02 -19.96 -22.64
CA VAL A 611 -5.53 -20.53 -21.41
C VAL A 611 -6.93 -21.07 -21.64
N HIS A 612 -7.15 -22.32 -21.26
CA HIS A 612 -8.43 -22.98 -21.48
C HIS A 612 -8.78 -23.69 -20.20
N LEU A 613 -10.05 -23.58 -19.79
CA LEU A 613 -10.49 -24.21 -18.57
C LEU A 613 -10.56 -25.72 -18.78
N ILE A 614 -10.16 -26.50 -17.79
CA ILE A 614 -10.25 -27.95 -17.93
C ILE A 614 -11.49 -28.50 -17.23
N THR A 615 -11.63 -28.20 -15.94
CA THR A 615 -12.85 -28.51 -15.19
C THR A 615 -14.03 -27.71 -15.73
N VAL A 616 -14.66 -28.21 -16.80
CA VAL A 616 -15.92 -27.63 -17.28
C VAL A 616 -17.01 -27.83 -16.23
N PRO A 617 -17.62 -26.73 -15.75
CA PRO A 617 -18.65 -26.82 -14.71
C PRO A 617 -19.85 -27.66 -15.21
N GLY A 618 -20.32 -28.57 -14.36
CA GLY A 618 -21.46 -29.41 -14.67
C GLY A 618 -21.05 -30.83 -15.00
N GLN A 619 -19.89 -30.95 -15.63
CA GLN A 619 -19.39 -32.22 -16.15
C GLN A 619 -18.32 -32.88 -15.28
N ASN A 620 -18.35 -34.23 -15.27
CA ASN A 620 -17.30 -35.09 -14.70
C ASN A 620 -17.12 -35.03 -13.17
N GLY A 621 -18.20 -34.74 -12.46
CA GLY A 621 -18.18 -34.62 -10.99
C GLY A 621 -17.75 -33.24 -10.50
N VAL A 622 -17.87 -32.24 -11.37
CA VAL A 622 -17.52 -30.87 -11.09
C VAL A 622 -18.77 -30.00 -11.15
N GLU A 623 -19.37 -29.75 -9.99
CA GLU A 623 -20.54 -28.89 -9.88
C GLU A 623 -20.35 -27.48 -10.46
N LYS A 624 -21.46 -26.88 -10.88
CA LYS A 624 -21.50 -25.55 -11.47
C LYS A 624 -20.88 -24.51 -10.54
N GLU A 625 -21.08 -24.72 -9.24
CA GLU A 625 -20.41 -23.95 -8.18
C GLU A 625 -19.73 -25.00 -7.34
N ASP A 626 -18.46 -24.78 -7.04
CA ASP A 626 -17.65 -25.81 -6.38
C ASP A 626 -16.40 -25.22 -5.71
N VAL A 627 -15.56 -26.11 -5.21
CA VAL A 627 -14.34 -25.76 -4.51
C VAL A 627 -13.14 -26.37 -5.23
N VAL A 628 -13.28 -26.64 -6.54
CA VAL A 628 -12.16 -27.15 -7.34
C VAL A 628 -12.02 -26.38 -8.64
N ILE A 629 -10.87 -26.51 -9.27
CA ILE A 629 -10.62 -25.86 -10.55
C ILE A 629 -9.34 -26.37 -11.20
N GLY A 630 -9.32 -26.42 -12.52
CA GLY A 630 -8.15 -26.91 -13.25
C GLY A 630 -8.08 -26.24 -14.59
N TYR A 631 -6.88 -25.81 -15.00
CA TYR A 631 -6.74 -25.18 -16.32
C TYR A 631 -5.32 -25.26 -16.89
N GLN A 632 -5.16 -24.75 -18.11
CA GLN A 632 -3.97 -25.01 -18.87
C GLN A 632 -3.52 -23.75 -19.55
N ILE A 633 -2.21 -23.53 -19.55
CA ILE A 633 -1.63 -22.47 -20.34
C ILE A 633 -0.62 -23.06 -21.28
N THR A 634 -0.70 -22.65 -22.54
CA THR A 634 0.34 -22.89 -23.48
C THR A 634 1.25 -21.67 -23.46
N ALA A 635 2.46 -21.81 -22.91
CA ALA A 635 3.41 -20.69 -22.81
C ALA A 635 3.90 -20.23 -24.18
N PRO A 636 4.41 -19.00 -24.28
CA PRO A 636 5.02 -18.53 -25.54
C PRO A 636 6.16 -19.40 -26.10
N ASN A 637 6.87 -20.13 -25.25
CA ASN A 637 7.91 -21.07 -25.72
C ASN A 637 7.38 -22.49 -26.06
N GLY A 638 6.06 -22.67 -25.99
CA GLY A 638 5.42 -23.94 -26.33
C GLY A 638 5.34 -24.93 -25.19
N ASP A 639 5.87 -24.62 -24.02
CA ASP A 639 5.64 -25.47 -22.86
C ASP A 639 4.20 -25.24 -22.45
N ILE A 640 3.67 -26.19 -21.68
CA ILE A 640 2.25 -26.19 -21.33
C ILE A 640 2.17 -26.41 -19.83
N TYR A 641 1.63 -25.42 -19.13
CA TYR A 641 1.42 -25.54 -17.70
C TYR A 641 -0.03 -25.82 -17.45
N ALA A 642 -0.28 -26.51 -16.34
CA ALA A 642 -1.60 -26.74 -15.87
C ALA A 642 -1.57 -26.39 -14.39
N VAL A 643 -2.66 -25.79 -13.93
CA VAL A 643 -2.88 -25.47 -12.53
C VAL A 643 -4.12 -26.23 -12.06
N PHE A 644 -3.99 -27.02 -11.01
CA PHE A 644 -5.14 -27.72 -10.45
C PHE A 644 -5.27 -27.41 -8.95
N VAL A 645 -6.49 -27.05 -8.52
CA VAL A 645 -6.75 -26.72 -7.12
C VAL A 645 -7.90 -27.57 -6.53
N ASN A 646 -7.61 -28.27 -5.43
CA ASN A 646 -8.65 -28.93 -4.67
C ASN A 646 -8.79 -28.33 -3.28
N ALA A 647 -9.71 -27.38 -3.12
CA ALA A 647 -9.95 -26.76 -1.82
C ALA A 647 -11.05 -27.47 -1.04
N ASP A 648 -11.38 -28.68 -1.51
CA ASP A 648 -12.33 -29.56 -0.82
C ASP A 648 -11.59 -30.26 0.31
N GLU A 649 -12.38 -30.86 1.20
CA GLU A 649 -11.86 -31.58 2.32
C GLU A 649 -11.84 -33.08 2.07
N LYS A 650 -11.87 -33.47 0.80
CA LYS A 650 -11.68 -34.87 0.43
C LYS A 650 -10.91 -34.95 -0.86
N ALA A 651 -10.35 -36.11 -1.15
CA ALA A 651 -9.67 -36.27 -2.42
C ALA A 651 -10.69 -35.99 -3.51
N ARG A 652 -10.26 -35.34 -4.58
CA ARG A 652 -11.13 -34.98 -5.68
C ARG A 652 -10.39 -35.18 -7.00
N GLU A 653 -11.10 -35.70 -8.00
CA GLU A 653 -10.51 -36.12 -9.27
C GLU A 653 -10.77 -35.11 -10.39
N PHE A 654 -9.75 -34.84 -11.19
CA PHE A 654 -9.85 -33.96 -12.35
C PHE A 654 -9.76 -34.78 -13.63
N ASN A 655 -10.80 -34.71 -14.43
CA ASN A 655 -10.88 -35.58 -15.58
C ASN A 655 -10.00 -35.05 -16.71
N LEU A 656 -9.15 -35.92 -17.25
CA LEU A 656 -8.29 -35.52 -18.36
C LEU A 656 -8.75 -36.06 -19.71
N GLY A 657 -9.17 -37.34 -19.74
CA GLY A 657 -9.64 -38.00 -20.98
C GLY A 657 -8.58 -37.91 -22.05
N THR A 658 -9.00 -37.79 -23.31
CA THR A 658 -8.04 -37.79 -24.44
C THR A 658 -7.59 -36.38 -24.80
N ALA A 659 -8.38 -35.39 -24.41
CA ALA A 659 -8.11 -33.99 -24.75
C ALA A 659 -6.93 -33.41 -23.97
N PHE A 660 -6.75 -33.91 -22.74
CA PHE A 660 -5.72 -33.44 -21.84
C PHE A 660 -4.90 -34.61 -21.29
N ALA A 661 -4.76 -35.64 -22.11
CA ALA A 661 -3.91 -36.79 -21.78
C ALA A 661 -2.43 -36.42 -21.82
N HIS A 662 -2.09 -35.39 -22.60
CA HIS A 662 -0.72 -34.92 -22.67
C HIS A 662 -0.20 -34.39 -21.32
N LEU A 663 -1.09 -34.17 -20.37
CA LEU A 663 -0.65 -33.68 -19.06
C LEU A 663 -0.07 -34.76 -18.16
N ARG A 664 0.04 -35.99 -18.68
CA ARG A 664 0.33 -37.13 -17.81
C ARG A 664 1.81 -37.34 -17.47
N ASN A 665 2.68 -37.12 -18.46
CA ASN A 665 4.11 -37.12 -18.23
C ASN A 665 4.58 -35.69 -17.96
N ALA A 666 3.76 -34.96 -17.20
CA ALA A 666 4.14 -33.63 -16.73
C ALA A 666 5.24 -33.77 -15.68
N GLU A 667 6.02 -32.70 -15.53
CA GLU A 667 6.78 -32.54 -14.30
C GLU A 667 5.91 -31.78 -13.32
N VAL A 668 6.04 -32.09 -12.03
CA VAL A 668 5.29 -31.38 -11.02
C VAL A 668 6.13 -30.25 -10.40
N LEU A 669 5.69 -29.01 -10.67
CA LEU A 669 6.36 -27.80 -10.20
C LEU A 669 5.91 -27.33 -8.80
N ALA A 670 4.66 -27.63 -8.43
CA ALA A 670 4.21 -27.44 -7.05
C ALA A 670 3.37 -28.61 -6.59
N ASP A 671 3.40 -28.87 -5.28
CA ASP A 671 2.56 -29.85 -4.63
C ASP A 671 2.17 -29.37 -3.23
N GLU A 672 1.83 -30.30 -2.35
CA GLU A 672 1.36 -29.93 -1.03
C GLU A 672 2.47 -29.43 -0.12
N ASN A 673 3.73 -29.77 -0.42
CA ASN A 673 4.85 -29.32 0.40
C ASN A 673 5.56 -28.08 -0.09
N GLN A 674 5.76 -27.96 -1.39
CA GLN A 674 6.73 -26.99 -1.94
C GLN A 674 6.31 -26.51 -3.32
N ALA A 675 6.98 -25.48 -3.82
CA ALA A 675 6.76 -24.93 -5.15
C ALA A 675 8.06 -24.35 -5.69
N GLY A 676 8.20 -24.32 -7.02
CA GLY A 676 9.40 -23.78 -7.64
C GLY A 676 9.37 -24.05 -9.14
N PRO A 677 10.37 -23.52 -9.88
CA PRO A 677 10.41 -23.67 -11.34
C PRO A 677 10.98 -25.01 -11.81
N VAL A 678 11.37 -25.88 -10.86
CA VAL A 678 12.05 -27.15 -11.16
C VAL A 678 11.27 -28.37 -10.64
N GLY A 679 11.31 -29.46 -11.40
CA GLY A 679 10.58 -30.68 -11.08
C GLY A 679 10.85 -31.27 -9.73
N ILE A 680 9.77 -31.47 -8.96
CA ILE A 680 9.82 -32.12 -7.64
C ILE A 680 10.03 -33.64 -7.82
N ALA A 681 11.21 -34.13 -7.45
CA ALA A 681 11.56 -35.55 -7.68
C ALA A 681 10.46 -36.52 -7.21
N ASN A 682 9.96 -36.32 -5.99
CA ASN A 682 8.94 -37.22 -5.40
C ASN A 682 7.62 -36.54 -4.96
N PRO A 683 6.78 -36.11 -5.95
CA PRO A 683 5.60 -35.26 -5.70
C PRO A 683 4.62 -35.91 -4.74
N LYS A 684 4.08 -35.11 -3.83
CA LYS A 684 3.13 -35.61 -2.84
C LYS A 684 1.75 -34.98 -3.04
N GLY A 685 0.71 -35.68 -2.59
CA GLY A 685 -0.68 -35.21 -2.74
C GLY A 685 -1.30 -35.40 -4.12
N LEU A 686 -0.55 -36.06 -5.01
CA LEU A 686 -1.04 -36.37 -6.36
C LEU A 686 -1.13 -37.86 -6.56
N GLU A 687 -2.22 -38.29 -7.18
CA GLU A 687 -2.36 -39.68 -7.64
C GLU A 687 -2.91 -39.67 -9.08
N TRP A 688 -2.23 -40.39 -9.97
CA TRP A 688 -2.71 -40.56 -11.34
C TRP A 688 -3.78 -41.67 -11.40
N THR A 689 -4.96 -41.31 -11.89
CA THR A 689 -6.08 -42.25 -12.00
C THR A 689 -6.39 -42.53 -13.44
N GLU A 690 -7.24 -43.52 -13.64
CA GLU A 690 -7.69 -43.91 -14.97
C GLU A 690 -8.36 -42.71 -15.69
N LYS A 691 -9.20 -41.96 -14.98
CA LYS A 691 -9.93 -40.85 -15.60
C LYS A 691 -9.06 -39.61 -15.81
N GLY A 692 -8.16 -39.38 -14.86
CA GLY A 692 -7.19 -38.30 -14.99
C GLY A 692 -6.26 -38.24 -13.79
N LEU A 693 -6.61 -37.38 -12.84
CA LEU A 693 -5.72 -37.06 -11.73
C LEU A 693 -6.46 -36.77 -10.43
N LYS A 694 -5.95 -37.37 -9.37
CA LYS A 694 -6.55 -37.21 -8.06
C LYS A 694 -5.66 -36.37 -7.15
N LEU A 695 -6.28 -35.37 -6.51
CA LEU A 695 -5.59 -34.50 -5.56
C LEU A 695 -6.14 -34.69 -4.18
N ASN A 696 -5.23 -34.78 -3.21
CA ASN A 696 -5.61 -34.86 -1.82
C ASN A 696 -6.40 -33.64 -1.40
N ALA A 697 -7.12 -33.78 -0.28
CA ALA A 697 -7.86 -32.71 0.32
C ALA A 697 -6.93 -31.50 0.50
N LEU A 698 -7.43 -30.31 0.18
CA LEU A 698 -6.71 -29.06 0.44
C LEU A 698 -5.28 -29.06 -0.12
N THR A 699 -5.21 -29.23 -1.44
CA THR A 699 -3.96 -29.46 -2.13
C THR A 699 -4.10 -28.83 -3.48
N ALA A 700 -3.01 -28.25 -3.94
CA ALA A 700 -2.93 -27.69 -5.27
C ALA A 700 -1.67 -28.19 -5.97
N THR A 701 -1.66 -28.14 -7.30
CA THR A 701 -0.50 -28.56 -8.03
C THR A 701 -0.29 -27.63 -9.20
N VAL A 702 0.96 -27.51 -9.61
CA VAL A 702 1.30 -26.97 -10.94
C VAL A 702 2.12 -28.01 -11.73
N LEU A 703 1.76 -28.19 -12.98
CA LEU A 703 2.44 -29.10 -13.87
C LEU A 703 3.01 -28.33 -15.03
N ARG A 704 4.10 -28.84 -15.61
CA ARG A 704 4.65 -28.35 -16.87
C ARG A 704 4.95 -29.54 -17.76
N VAL A 705 4.37 -29.54 -18.96
CA VAL A 705 4.60 -30.64 -19.89
C VAL A 705 5.47 -30.09 -21.00
N SER A 706 6.68 -30.63 -21.07
CA SER A 706 7.66 -30.16 -22.02
C SER A 706 7.66 -31.10 -23.19
N GLN A 707 8.07 -30.60 -24.34
CA GLN A 707 8.81 -31.46 -25.25
C GLN A 707 10.16 -30.80 -25.47
N ASN A 708 11.13 -31.11 -24.59
CA ASN A 708 12.52 -30.60 -24.62
C ASN A 708 13.48 -31.45 -23.78
C1 NOJ B . -8.07 2.87 2.30
C2 NOJ B . -6.86 2.50 3.13
O2 NOJ B . -6.30 1.23 2.79
C3 NOJ B . -7.36 2.47 4.57
O3 NOJ B . -6.41 1.90 5.45
C4 NOJ B . -7.70 3.90 4.98
O4 NOJ B . -8.35 3.80 6.25
C5 NOJ B . -8.65 4.59 3.98
N5 NOJ B . -8.25 4.33 2.56
C6 NOJ B . -8.72 6.09 4.21
O6 NOJ B . -7.45 6.68 3.87
C1 GLC B . -7.64 3.75 7.50
C2 GLC B . -8.46 3.06 8.58
C3 GLC B . -9.66 3.94 8.93
C4 GLC B . -9.12 5.30 9.33
C5 GLC B . -8.42 5.95 8.12
C6 GLC B . -7.96 7.40 8.29
O2 GLC B . -8.92 1.82 8.09
O3 GLC B . -10.48 3.39 9.95
O4 GLC B . -10.23 6.06 9.69
O5 GLC B . -7.32 5.10 7.78
O6 GLC B . -7.07 7.52 9.37
CA CA C . -7.07 -1.05 -19.85
NA NA D . -12.04 -9.24 7.15
#